data_455D
# 
_entry.id   455D 
# 
_audit_conform.dict_name       mmcif_pdbx.dic 
_audit_conform.dict_version    5.389 
_audit_conform.dict_location   http://mmcif.pdb.org/dictionaries/ascii/mmcif_pdbx.dic 
# 
loop_
_database_2.database_id 
_database_2.database_code 
_database_2.pdbx_database_accession 
_database_2.pdbx_DOI 
PDB   455D         pdb_0000455d 10.2210/pdb455d/pdb 
RCSB  BD0008       ?            ?                   
WWPDB D_1000179237 ?            ?                   
# 
loop_
_pdbx_audit_revision_history.ordinal 
_pdbx_audit_revision_history.data_content_type 
_pdbx_audit_revision_history.major_revision 
_pdbx_audit_revision_history.minor_revision 
_pdbx_audit_revision_history.revision_date 
1 'Structure model' 1 0 1999-10-08 
2 'Structure model' 1 1 2008-05-22 
3 'Structure model' 1 2 2011-07-13 
4 'Structure model' 1 3 2019-05-29 
5 'Structure model' 1 4 2024-02-28 
6 'Structure model' 1 5 2024-04-03 
# 
_pdbx_audit_revision_details.ordinal             1 
_pdbx_audit_revision_details.revision_ordinal    1 
_pdbx_audit_revision_details.data_content_type   'Structure model' 
_pdbx_audit_revision_details.provider            repository 
_pdbx_audit_revision_details.type                'Initial release' 
_pdbx_audit_revision_details.description         ? 
_pdbx_audit_revision_details.details             ? 
# 
loop_
_pdbx_audit_revision_group.ordinal 
_pdbx_audit_revision_group.revision_ordinal 
_pdbx_audit_revision_group.data_content_type 
_pdbx_audit_revision_group.group 
1 2 'Structure model' 'Version format compliance' 
2 3 'Structure model' 'Version format compliance' 
3 4 'Structure model' Advisory                    
4 4 'Structure model' 'Data collection'           
5 4 'Structure model' 'Derived calculations'      
6 5 'Structure model' 'Data collection'           
7 5 'Structure model' 'Database references'       
8 5 'Structure model' 'Derived calculations'      
9 6 'Structure model' 'Refinement description'    
# 
loop_
_pdbx_audit_revision_category.ordinal 
_pdbx_audit_revision_category.revision_ordinal 
_pdbx_audit_revision_category.data_content_type 
_pdbx_audit_revision_category.category 
1  4 'Structure model' ndb_struct_na_base_pair       
2  4 'Structure model' ndb_struct_na_base_pair_step  
3  4 'Structure model' pdbx_distant_solvent_atoms    
4  4 'Structure model' struct_conn                   
5  5 'Structure model' chem_comp_atom                
6  5 'Structure model' chem_comp_bond                
7  5 'Structure model' database_2                    
8  5 'Structure model' pdbx_struct_conn_angle        
9  5 'Structure model' struct_conn                   
10 5 'Structure model' struct_site                   
11 6 'Structure model' pdbx_initial_refinement_model 
# 
loop_
_pdbx_audit_revision_item.ordinal 
_pdbx_audit_revision_item.revision_ordinal 
_pdbx_audit_revision_item.data_content_type 
_pdbx_audit_revision_item.item 
1  4 'Structure model' '_ndb_struct_na_base_pair.propeller'          
2  4 'Structure model' '_ndb_struct_na_base_pair_step.inclination'   
3  5 'Structure model' '_database_2.pdbx_DOI'                        
4  5 'Structure model' '_database_2.pdbx_database_accession'         
5  5 'Structure model' '_pdbx_struct_conn_angle.ptnr1_auth_asym_id'  
6  5 'Structure model' '_pdbx_struct_conn_angle.ptnr1_auth_seq_id'   
7  5 'Structure model' '_pdbx_struct_conn_angle.ptnr1_label_asym_id' 
8  5 'Structure model' '_pdbx_struct_conn_angle.ptnr3_auth_asym_id'  
9  5 'Structure model' '_pdbx_struct_conn_angle.ptnr3_auth_seq_id'   
10 5 'Structure model' '_pdbx_struct_conn_angle.ptnr3_label_asym_id' 
11 5 'Structure model' '_pdbx_struct_conn_angle.value'               
12 5 'Structure model' '_struct_conn.pdbx_dist_value'                
13 5 'Structure model' '_struct_conn.ptnr2_auth_asym_id'             
14 5 'Structure model' '_struct_conn.ptnr2_auth_seq_id'              
15 5 'Structure model' '_struct_conn.ptnr2_label_asym_id'            
16 5 'Structure model' '_struct_site.pdbx_auth_asym_id'              
17 5 'Structure model' '_struct_site.pdbx_auth_comp_id'              
18 5 'Structure model' '_struct_site.pdbx_auth_seq_id'               
# 
_pdbx_database_status.status_code                     REL 
_pdbx_database_status.entry_id                        455D 
_pdbx_database_status.recvd_initial_deposition_date   1999-03-04 
_pdbx_database_status.deposit_site                    NDB 
_pdbx_database_status.process_site                    NDB 
_pdbx_database_status.status_code_sf                  REL 
_pdbx_database_status.status_code_mr                  ? 
_pdbx_database_status.SG_entry                        ? 
_pdbx_database_status.pdb_format_compatible           Y 
_pdbx_database_status.status_code_cs                  ? 
_pdbx_database_status.methods_development_category    ? 
_pdbx_database_status.status_code_nmr_data            ? 
# 
loop_
_audit_author.name 
_audit_author.pdbx_ordinal 
'Chiu, T.K.'             1 
'Kaczor-Grzeskowiak, M.' 2 
'Dickerson, R.E.'        3 
# 
_citation.id                        primary 
_citation.title                     
'Absence of minor groove monovalent cations in the crosslinked dodecamer C-G-C-G-A-A-T-T-C-G-C-G.' 
_citation.journal_abbrev            J.Mol.Biol. 
_citation.journal_volume            292 
_citation.page_first                589 
_citation.page_last                 608 
_citation.year                      1999 
_citation.journal_id_ASTM           JMOBAK 
_citation.country                   UK 
_citation.journal_id_ISSN           0022-2836 
_citation.journal_id_CSD            0070 
_citation.book_publisher            ? 
_citation.pdbx_database_id_PubMed   10497024 
_citation.pdbx_database_id_DOI      10.1006/jmbi.1999.3075 
# 
loop_
_citation_author.citation_id 
_citation_author.name 
_citation_author.ordinal 
_citation_author.identifier_ORCID 
primary 'Chiu, T.K.'             1 ? 
primary 'Kaczor-Grzeskowiak, M.' 2 ? 
primary 'Dickerson, R.E.'        3 ? 
# 
loop_
_entity.id 
_entity.type 
_entity.src_method 
_entity.pdbx_description 
_entity.formula_weight 
_entity.pdbx_number_of_molecules 
_entity.pdbx_ec 
_entity.pdbx_mutation 
_entity.pdbx_fragment 
_entity.details 
1 polymer     syn 
;DNA (5'-D(*CP*GP*CP*GP*AP*(SSP)AP*TP*TP*CP*GP*CP*G)-3')
;
3663.392 2   ? ? ? 'COMPLEXED WITH THIOPROPANE' 
2 non-polymer syn 'MAGNESIUM ION'                                           24.305   3   ? ? ? ?                            
3 non-polymer syn 'DITHIOBIS-(PROPANE)'                                     150.305  1   ? ? ? ?                            
4 water       nat water                                                     18.015   150 ? ? ? ?                            
# 
_entity_poly.entity_id                      1 
_entity_poly.type                           polydeoxyribonucleotide 
_entity_poly.nstd_linkage                   no 
_entity_poly.nstd_monomer                   no 
_entity_poly.pdbx_seq_one_letter_code       '(DC)(DG)(DC)(DG)(DA)(DA)(DT)(DT)(DC)(DG)(DC)(DG)' 
_entity_poly.pdbx_seq_one_letter_code_can   CGCGAATTCGCG 
_entity_poly.pdbx_strand_id                 A,B 
_entity_poly.pdbx_target_identifier         ? 
# 
loop_
_pdbx_entity_nonpoly.entity_id 
_pdbx_entity_nonpoly.name 
_pdbx_entity_nonpoly.comp_id 
2 'MAGNESIUM ION'       MG  
3 'DITHIOBIS-(PROPANE)' SSP 
4 water                 HOH 
# 
loop_
_entity_poly_seq.entity_id 
_entity_poly_seq.num 
_entity_poly_seq.mon_id 
_entity_poly_seq.hetero 
1 1  DC n 
1 2  DG n 
1 3  DC n 
1 4  DG n 
1 5  DA n 
1 6  DA n 
1 7  DT n 
1 8  DT n 
1 9  DC n 
1 10 DG n 
1 11 DC n 
1 12 DG n 
# 
loop_
_chem_comp.id 
_chem_comp.type 
_chem_comp.mon_nstd_flag 
_chem_comp.name 
_chem_comp.pdbx_synonyms 
_chem_comp.formula 
_chem_comp.formula_weight 
DA  'DNA linking' y "2'-DEOXYADENOSINE-5'-MONOPHOSPHATE" ? 'C10 H14 N5 O6 P' 331.222 
DC  'DNA linking' y "2'-DEOXYCYTIDINE-5'-MONOPHOSPHATE"  ? 'C9 H14 N3 O7 P'  307.197 
DG  'DNA linking' y "2'-DEOXYGUANOSINE-5'-MONOPHOSPHATE" ? 'C10 H14 N5 O7 P' 347.221 
DT  'DNA linking' y "THYMIDINE-5'-MONOPHOSPHATE"         ? 'C10 H15 N2 O8 P' 322.208 
HOH non-polymer   . WATER                                ? 'H2 O'            18.015  
MG  non-polymer   . 'MAGNESIUM ION'                      ? 'Mg 2'            24.305  
SSP non-polymer   . 'DITHIOBIS-(PROPANE)'                ? 'C6 H14 S2'       150.305 
# 
loop_
_pdbx_poly_seq_scheme.asym_id 
_pdbx_poly_seq_scheme.entity_id 
_pdbx_poly_seq_scheme.seq_id 
_pdbx_poly_seq_scheme.mon_id 
_pdbx_poly_seq_scheme.ndb_seq_num 
_pdbx_poly_seq_scheme.pdb_seq_num 
_pdbx_poly_seq_scheme.auth_seq_num 
_pdbx_poly_seq_scheme.pdb_mon_id 
_pdbx_poly_seq_scheme.auth_mon_id 
_pdbx_poly_seq_scheme.pdb_strand_id 
_pdbx_poly_seq_scheme.pdb_ins_code 
_pdbx_poly_seq_scheme.hetero 
A 1 1  DC 1  1  1  DC C  A . n 
A 1 2  DG 2  2  2  DG G  A . n 
A 1 3  DC 3  3  3  DC C  A . n 
A 1 4  DG 4  4  4  DG G  A . n 
A 1 5  DA 5  5  5  DA A  A . n 
A 1 6  DA 6  6  6  DA +A A . n 
A 1 7  DT 7  7  7  DT T  A . n 
A 1 8  DT 8  8  8  DT T  A . n 
A 1 9  DC 9  9  9  DC C  A . n 
A 1 10 DG 10 10 10 DG G  A . n 
A 1 11 DC 11 11 11 DC C  A . n 
A 1 12 DG 12 12 12 DG G  A . n 
B 1 1  DC 1  13 13 DC C  B . n 
B 1 2  DG 2  14 14 DG G  B . n 
B 1 3  DC 3  15 15 DC C  B . n 
B 1 4  DG 4  16 16 DG G  B . n 
B 1 5  DA 5  17 17 DA A  B . n 
B 1 6  DA 6  18 18 DA +A B . n 
B 1 7  DT 7  19 19 DT T  B . n 
B 1 8  DT 8  20 20 DT T  B . n 
B 1 9  DC 9  21 21 DC C  B . n 
B 1 10 DG 10 22 22 DG G  B . n 
B 1 11 DC 11 23 23 DC C  B . n 
B 1 12 DG 12 24 24 DG G  B . n 
# 
loop_
_pdbx_nonpoly_scheme.asym_id 
_pdbx_nonpoly_scheme.entity_id 
_pdbx_nonpoly_scheme.mon_id 
_pdbx_nonpoly_scheme.ndb_seq_num 
_pdbx_nonpoly_scheme.pdb_seq_num 
_pdbx_nonpoly_scheme.auth_seq_num 
_pdbx_nonpoly_scheme.pdb_mon_id 
_pdbx_nonpoly_scheme.auth_mon_id 
_pdbx_nonpoly_scheme.pdb_strand_id 
_pdbx_nonpoly_scheme.pdb_ins_code 
C 2 MG  1  25  25  MG  MO6 A . 
D 2 MG  1  26  26  MG  MO6 A . 
E 3 SSP 1  27  6   SSP SSP A . 
F 2 MG  1  27  27  MG  MO5 B . 
G 4 HOH 1  28  28  HOH HOH A . 
G 4 HOH 2  29  29  HOH HOH A . 
G 4 HOH 3  31  31  HOH HOH A . 
G 4 HOH 4  32  32  HOH HOH A . 
G 4 HOH 5  34  34  HOH HOH A . 
G 4 HOH 6  35  35  HOH HOH A . 
G 4 HOH 7  37  37  HOH HOH A . 
G 4 HOH 8  39  39  HOH HOH A . 
G 4 HOH 9  40  40  HOH HOH A . 
G 4 HOH 10 41  41  HOH HOH A . 
G 4 HOH 11 43  43  HOH HOH A . 
G 4 HOH 12 44  44  HOH HOH A . 
G 4 HOH 13 45  45  HOH HOH A . 
G 4 HOH 14 46  46  HOH HOH A . 
G 4 HOH 15 49  49  HOH HOH A . 
G 4 HOH 16 51  51  HOH HOH A . 
G 4 HOH 17 53  53  HOH HOH A . 
G 4 HOH 18 54  54  HOH HOH A . 
G 4 HOH 19 55  55  HOH HOH A . 
G 4 HOH 20 59  59  HOH HOH A . 
G 4 HOH 21 60  60  HOH HOH A . 
G 4 HOH 22 61  61  HOH HOH A . 
G 4 HOH 23 62  62  HOH HOH A . 
G 4 HOH 24 66  66  HOH HOH A . 
G 4 HOH 25 68  68  HOH HOH A . 
G 4 HOH 26 69  69  HOH HOH A . 
G 4 HOH 27 70  70  HOH HOH A . 
G 4 HOH 28 71  71  HOH HOH A . 
G 4 HOH 29 72  72  HOH HOH A . 
G 4 HOH 30 74  74  HOH HOH A . 
G 4 HOH 31 75  75  HOH HOH A . 
G 4 HOH 32 76  76  HOH HOH A . 
G 4 HOH 33 79  79  HOH HOH A . 
G 4 HOH 34 80  80  HOH HOH A . 
G 4 HOH 35 81  81  HOH HOH A . 
G 4 HOH 36 82  82  HOH HOH A . 
G 4 HOH 37 83  83  HOH HOH A . 
G 4 HOH 38 84  84  HOH HOH A . 
G 4 HOH 39 86  86  HOH HOH A . 
G 4 HOH 40 87  87  HOH HOH A . 
G 4 HOH 41 88  88  HOH HOH A . 
G 4 HOH 42 89  89  HOH HOH A . 
G 4 HOH 43 90  90  HOH HOH A . 
G 4 HOH 44 91  91  HOH HOH A . 
G 4 HOH 45 92  92  HOH HOH A . 
G 4 HOH 46 93  93  HOH HOH A . 
G 4 HOH 47 94  94  HOH HOH A . 
G 4 HOH 48 95  95  HOH HOH A . 
G 4 HOH 49 96  96  HOH HOH A . 
G 4 HOH 50 97  97  HOH HOH A . 
G 4 HOH 51 98  98  HOH HOH A . 
G 4 HOH 52 104 104 HOH HOH A . 
G 4 HOH 53 107 107 HOH HOH A . 
G 4 HOH 54 108 108 HOH HOH A . 
G 4 HOH 55 109 109 HOH HOH A . 
G 4 HOH 56 111 111 HOH HOH A . 
G 4 HOH 57 116 116 HOH HOH A . 
G 4 HOH 58 117 117 HOH HOH A . 
G 4 HOH 59 123 123 HOH HOH A . 
G 4 HOH 60 125 125 HOH HOH A . 
G 4 HOH 61 126 126 HOH HOH A . 
G 4 HOH 62 127 127 HOH HOH A . 
G 4 HOH 63 128 128 HOH HOH A . 
G 4 HOH 64 129 129 HOH HOH A . 
G 4 HOH 65 130 130 HOH HOH A . 
G 4 HOH 66 131 131 HOH HOH A . 
G 4 HOH 67 132 132 HOH HOH A . 
G 4 HOH 68 133 133 HOH HOH A . 
G 4 HOH 69 134 134 HOH HOH A . 
G 4 HOH 70 146 146 HOH HOH A . 
G 4 HOH 71 155 155 HOH HOH A . 
G 4 HOH 72 156 156 HOH HOH A . 
G 4 HOH 73 164 164 HOH HOH A . 
G 4 HOH 74 166 166 HOH HOH A . 
G 4 HOH 75 167 25  HOH MO6 A . 
G 4 HOH 76 168 25  HOH MO6 A . 
G 4 HOH 77 169 25  HOH MO6 A . 
G 4 HOH 78 171 25  HOH MO6 A . 
G 4 HOH 79 173 26  HOH MO6 A . 
G 4 HOH 80 174 26  HOH MO6 A . 
G 4 HOH 81 175 26  HOH MO6 A . 
G 4 HOH 82 176 26  HOH MO6 A . 
G 4 HOH 83 177 26  HOH MO6 A . 
G 4 HOH 84 178 26  HOH MO6 A . 
H 4 HOH 1  30  30  HOH HOH B . 
H 4 HOH 2  33  33  HOH HOH B . 
H 4 HOH 3  36  36  HOH HOH B . 
H 4 HOH 4  38  38  HOH HOH B . 
H 4 HOH 5  42  42  HOH HOH B . 
H 4 HOH 6  47  47  HOH HOH B . 
H 4 HOH 7  48  48  HOH HOH B . 
H 4 HOH 8  50  50  HOH HOH B . 
H 4 HOH 9  52  52  HOH HOH B . 
H 4 HOH 10 56  56  HOH HOH B . 
H 4 HOH 11 57  57  HOH HOH B . 
H 4 HOH 12 58  58  HOH HOH B . 
H 4 HOH 13 63  63  HOH HOH B . 
H 4 HOH 14 64  64  HOH HOH B . 
H 4 HOH 15 65  65  HOH HOH B . 
H 4 HOH 16 67  67  HOH HOH B . 
H 4 HOH 17 73  73  HOH HOH B . 
H 4 HOH 18 77  77  HOH HOH B . 
H 4 HOH 19 78  78  HOH HOH B . 
H 4 HOH 20 85  85  HOH HOH B . 
H 4 HOH 21 99  99  HOH HOH B . 
H 4 HOH 22 100 100 HOH HOH B . 
H 4 HOH 23 101 101 HOH HOH B . 
H 4 HOH 24 102 102 HOH HOH B . 
H 4 HOH 25 103 103 HOH HOH B . 
H 4 HOH 26 105 105 HOH HOH B . 
H 4 HOH 27 106 106 HOH HOH B . 
H 4 HOH 28 110 110 HOH HOH B . 
H 4 HOH 29 112 112 HOH HOH B . 
H 4 HOH 30 113 113 HOH HOH B . 
H 4 HOH 31 114 114 HOH HOH B . 
H 4 HOH 32 115 115 HOH HOH B . 
H 4 HOH 33 118 118 HOH HOH B . 
H 4 HOH 34 119 119 HOH HOH B . 
H 4 HOH 35 120 120 HOH HOH B . 
H 4 HOH 36 121 121 HOH HOH B . 
H 4 HOH 37 122 122 HOH HOH B . 
H 4 HOH 38 124 124 HOH HOH B . 
H 4 HOH 39 135 135 HOH HOH B . 
H 4 HOH 40 136 136 HOH HOH B . 
H 4 HOH 41 137 137 HOH HOH B . 
H 4 HOH 42 138 138 HOH HOH B . 
H 4 HOH 43 139 139 HOH HOH B . 
H 4 HOH 44 140 140 HOH HOH B . 
H 4 HOH 45 141 141 HOH HOH B . 
H 4 HOH 46 142 142 HOH HOH B . 
H 4 HOH 47 147 147 HOH HOH B . 
H 4 HOH 48 148 148 HOH HOH B . 
H 4 HOH 49 149 149 HOH HOH B . 
H 4 HOH 50 150 150 HOH HOH B . 
H 4 HOH 51 151 151 HOH HOH B . 
H 4 HOH 52 153 153 HOH HOH B . 
H 4 HOH 53 154 154 HOH HOH B . 
H 4 HOH 54 157 157 HOH HOH B . 
H 4 HOH 55 160 160 HOH HOH B . 
H 4 HOH 56 161 161 HOH HOH B . 
H 4 HOH 57 162 162 HOH HOH B . 
H 4 HOH 58 163 163 HOH HOH B . 
H 4 HOH 59 165 165 HOH HOH B . 
H 4 HOH 60 170 25  HOH MO6 B . 
H 4 HOH 61 172 25  HOH MO6 B . 
H 4 HOH 62 179 27  HOH MO5 B . 
H 4 HOH 63 180 27  HOH MO5 B . 
H 4 HOH 64 182 27  HOH MO5 B . 
H 4 HOH 65 183 27  HOH MO5 B . 
H 4 HOH 66 184 27  HOH MO5 B . 
# 
loop_
_software.name 
_software.classification 
_software.version 
_software.citation_id 
_software.pdbx_ordinal 
X-PLOR    'model building' .     ? 1 
X-PLOR    refinement       3.843 ? 2 
DENZO     'data reduction' .     ? 3 
SCALEPACK 'data scaling'   .     ? 4 
X-PLOR    phasing          .     ? 5 
# 
_cell.entry_id           455D 
_cell.length_a           24.544 
_cell.length_b           39.303 
_cell.length_c           66.964 
_cell.angle_alpha        90.00 
_cell.angle_beta         90.00 
_cell.angle_gamma        90.00 
_cell.Z_PDB              8 
_cell.pdbx_unique_axis   ? 
# 
_symmetry.entry_id                         455D 
_symmetry.space_group_name_H-M             'P 21 21 21' 
_symmetry.pdbx_full_space_group_name_H-M   ? 
_symmetry.cell_setting                     orthorhombic 
_symmetry.Int_Tables_number                19 
# 
_exptl.entry_id          455D 
_exptl.method            'X-RAY DIFFRACTION' 
_exptl.crystals_number   1 
# 
_exptl_crystal.id                    1 
_exptl_crystal.density_meas          ? 
_exptl_crystal.density_Matthews      1.78 
_exptl_crystal.density_percent_sol   30.5 
_exptl_crystal.description           ? 
# 
_exptl_crystal_grow.crystal_id      1 
_exptl_crystal_grow.method          'VAPOR DIFFUSION, HANGING DROP' 
_exptl_crystal_grow.temp            277 
_exptl_crystal_grow.temp_details    ? 
_exptl_crystal_grow.pH              ? 
_exptl_crystal_grow.pdbx_details    'VAPOR DIFFUSION, HANGING DROP, temperature 277K' 
_exptl_crystal_grow.pdbx_pH_range   ? 
# 
loop_
_exptl_crystal_grow_comp.crystal_id 
_exptl_crystal_grow_comp.id 
_exptl_crystal_grow_comp.sol_id 
_exptl_crystal_grow_comp.name 
_exptl_crystal_grow_comp.volume 
_exptl_crystal_grow_comp.conc 
_exptl_crystal_grow_comp.details 
1 1 1 MGCL2          ? ? ? 
1 2 1 SPERMINE       ? ? ? 
1 3 1 DITHIOTHREITOL ? ? ? 
1 4 1 MPD            ? ? ? 
1 5 2 MPD            ? ? ? 
# 
_diffrn.id                     1 
_diffrn.ambient_temp           100.0 
_diffrn.ambient_temp_details   ? 
_diffrn.crystal_id             1 
# 
_diffrn_detector.diffrn_id              1 
_diffrn_detector.detector               'IMAGE PLATE' 
_diffrn_detector.type                   'RIGAKU RAXIS IV' 
_diffrn_detector.pdbx_collection_date   ? 
_diffrn_detector.details                ? 
# 
_diffrn_radiation.diffrn_id                        1 
_diffrn_radiation.wavelength_id                    1 
_diffrn_radiation.pdbx_monochromatic_or_laue_m_l   M 
_diffrn_radiation.monochromator                    MIRRORS 
_diffrn_radiation.pdbx_diffrn_protocol             'SINGLE WAVELENGTH' 
_diffrn_radiation.pdbx_scattering_type             x-ray 
# 
_diffrn_radiation_wavelength.id           1 
_diffrn_radiation_wavelength.wavelength   1.5418 
_diffrn_radiation_wavelength.wt           1.0 
# 
_diffrn_source.diffrn_id                   1 
_diffrn_source.source                      'ROTATING ANODE' 
_diffrn_source.type                        RIGAKU 
_diffrn_source.pdbx_synchrotron_site       ? 
_diffrn_source.pdbx_synchrotron_beamline   ? 
_diffrn_source.pdbx_wavelength             1.5418 
_diffrn_source.pdbx_wavelength_list        ? 
# 
_reflns.entry_id                     455D 
_reflns.observed_criterion_sigma_I   -3.0 
_reflns.observed_criterion_sigma_F   ? 
_reflns.d_resolution_low             8.0 
_reflns.d_resolution_high            1.43 
_reflns.number_obs                   11200 
_reflns.number_all                   ? 
_reflns.percent_possible_obs         89.4 
_reflns.pdbx_Rmerge_I_obs            0.037 
_reflns.pdbx_Rsym_value              ? 
_reflns.pdbx_netI_over_sigmaI        38.1 
_reflns.B_iso_Wilson_estimate        17.85 
_reflns.pdbx_redundancy              9.49 
_reflns.pdbx_diffrn_id               1 
_reflns.pdbx_ordinal                 1 
# 
_reflns_shell.d_res_high             1.43 
_reflns_shell.d_res_low              1.54 
_reflns_shell.percent_possible_all   80.8 
_reflns_shell.Rmerge_I_obs           0.156 
_reflns_shell.pdbx_Rsym_value        ? 
_reflns_shell.meanI_over_sigI_obs    10.9 
_reflns_shell.pdbx_redundancy        6.73 
_reflns_shell.pdbx_diffrn_id         ? 
_reflns_shell.pdbx_ordinal           1 
# 
_refine.entry_id                                 455D 
_refine.ls_number_reflns_obs                     11016 
_refine.ls_number_reflns_all                     ? 
_refine.pdbx_ls_sigma_I                          ? 
_refine.pdbx_ls_sigma_F                          2.0 
_refine.pdbx_data_cutoff_high_absF               ? 
_refine.pdbx_data_cutoff_low_absF                ? 
_refine.pdbx_data_cutoff_high_rms_absF           ? 
_refine.ls_d_res_low                             8.0 
_refine.ls_d_res_high                            1.43 
_refine.ls_percent_reflns_obs                    88.5 
_refine.ls_R_factor_obs                          0.208 
_refine.ls_R_factor_all                          ? 
_refine.ls_R_factor_R_work                       0.208 
_refine.ls_R_factor_R_free                       0.276 
_refine.ls_R_factor_R_free_error                 ? 
_refine.ls_R_factor_R_free_error_details         ? 
_refine.ls_percent_reflns_R_free                 10.0 
_refine.ls_number_reflns_R_free                  1055 
_refine.ls_number_parameters                     ? 
_refine.ls_number_restraints                     ? 
_refine.occupancy_min                            ? 
_refine.occupancy_max                            ? 
_refine.B_iso_mean                               13.56 
_refine.aniso_B[1][1]                            3.65 
_refine.aniso_B[2][2]                            -3.12 
_refine.aniso_B[3][3]                            -1.40 
_refine.aniso_B[1][2]                            0.00 
_refine.aniso_B[1][3]                            0.00 
_refine.aniso_B[2][3]                            0.00 
_refine.solvent_model_details                    ? 
_refine.solvent_model_param_ksol                 ? 
_refine.solvent_model_param_bsol                 ? 
_refine.pdbx_ls_cross_valid_method               THROUGHOUT 
_refine.details                                  
'STARTING MODEL IS IDEAL B-DNA RMS-FITTED ONTO COORDINATES OF ORIGINAL DREW STRUCTURE (1BNA)' 
_refine.pdbx_starting_model                      'IDEAL B-DNA' 
_refine.pdbx_method_to_determine_struct          'MOLECULAR REPLACEMEN' 
_refine.pdbx_isotropic_thermal_model             ? 
_refine.pdbx_stereochemistry_target_values       ? 
_refine.pdbx_stereochem_target_val_spec_case     ? 
_refine.pdbx_R_Free_selection_details            RANDOM 
_refine.pdbx_overall_ESU_R                       ? 
_refine.pdbx_overall_ESU_R_Free                  ? 
_refine.overall_SU_ML                            ? 
_refine.overall_SU_B                             ? 
_refine.pdbx_refine_id                           'X-RAY DIFFRACTION' 
_refine.pdbx_diffrn_id                           1 
_refine.pdbx_TLS_residual_ADP_flag               ? 
_refine.correlation_coeff_Fo_to_Fc               ? 
_refine.correlation_coeff_Fo_to_Fc_free          ? 
_refine.pdbx_solvent_vdw_probe_radii             ? 
_refine.pdbx_solvent_ion_probe_radii             ? 
_refine.pdbx_solvent_shrinkage_radii             ? 
_refine.pdbx_overall_phase_error                 ? 
_refine.overall_SU_R_Cruickshank_DPI             ? 
_refine.pdbx_overall_SU_R_free_Cruickshank_DPI   ? 
_refine.pdbx_overall_SU_R_Blow_DPI               ? 
_refine.pdbx_overall_SU_R_free_Blow_DPI          ? 
# 
_refine_hist.pdbx_refine_id                   'X-RAY DIFFRACTION' 
_refine_hist.cycle_id                         LAST 
_refine_hist.pdbx_number_atoms_protein        0 
_refine_hist.pdbx_number_atoms_nucleic_acid   486 
_refine_hist.pdbx_number_atoms_ligand         28 
_refine_hist.number_atoms_solvent             133 
_refine_hist.number_atoms_total               647 
_refine_hist.d_res_high                       1.43 
_refine_hist.d_res_low                        8.0 
# 
loop_
_refine_ls_restr.type 
_refine_ls_restr.dev_ideal 
_refine_ls_restr.dev_ideal_target 
_refine_ls_restr.weight 
_refine_ls_restr.number 
_refine_ls_restr.pdbx_refine_id 
_refine_ls_restr.pdbx_restraint_function 
x_bond_d                0.009 ? ? ? 'X-RAY DIFFRACTION' ? 
x_bond_d_na             ?     ? ? ? 'X-RAY DIFFRACTION' ? 
x_bond_d_prot           ?     ? ? ? 'X-RAY DIFFRACTION' ? 
x_angle_d               ?     ? ? ? 'X-RAY DIFFRACTION' ? 
x_angle_d_na            ?     ? ? ? 'X-RAY DIFFRACTION' ? 
x_angle_d_prot          ?     ? ? ? 'X-RAY DIFFRACTION' ? 
x_angle_deg             1.70  ? ? ? 'X-RAY DIFFRACTION' ? 
x_angle_deg_na          ?     ? ? ? 'X-RAY DIFFRACTION' ? 
x_angle_deg_prot        ?     ? ? ? 'X-RAY DIFFRACTION' ? 
x_dihedral_angle_d      18.65 ? ? ? 'X-RAY DIFFRACTION' ? 
x_dihedral_angle_d_na   ?     ? ? ? 'X-RAY DIFFRACTION' ? 
x_dihedral_angle_d_prot ?     ? ? ? 'X-RAY DIFFRACTION' ? 
x_improper_angle_d      1.46  ? ? ? 'X-RAY DIFFRACTION' ? 
x_improper_angle_d_na   ?     ? ? ? 'X-RAY DIFFRACTION' ? 
x_improper_angle_d_prot ?     ? ? ? 'X-RAY DIFFRACTION' ? 
x_mcbond_it             ?     ? ? ? 'X-RAY DIFFRACTION' ? 
x_mcangle_it            ?     ? ? ? 'X-RAY DIFFRACTION' ? 
x_scbond_it             ?     ? ? ? 'X-RAY DIFFRACTION' ? 
x_scangle_it            ?     ? ? ? 'X-RAY DIFFRACTION' ? 
# 
_struct.entry_id                  455D 
_struct.title                     'A6/A18 INTER-STRAND DITHIOBIS(PROPANE)-CROSSLINKED DODECAMER (CGCGAATTCGCG)2' 
_struct.pdbx_model_details        ? 
_struct.pdbx_CASP_flag            ? 
_struct.pdbx_model_type_details   ? 
# 
_struct_keywords.entry_id        455D 
_struct_keywords.pdbx_keywords   DNA 
_struct_keywords.text            'INTER-STRAND CROSSLINKING, DODECAMER CGCGAATTCGCG/CGCGAATTCGCG, DEOXYRIBONUCLEIC ACID, DNA' 
# 
loop_
_struct_asym.id 
_struct_asym.pdbx_blank_PDB_chainid_flag 
_struct_asym.pdbx_modified 
_struct_asym.entity_id 
_struct_asym.details 
A N N 1 ? 
B N N 1 ? 
C N N 2 ? 
D N N 2 ? 
E N N 3 ? 
F N N 2 ? 
G N N 4 ? 
H N N 4 ? 
# 
_struct_ref.id                         1 
_struct_ref.entity_id                  1 
_struct_ref.db_name                    PDB 
_struct_ref.db_code                    455D 
_struct_ref.pdbx_db_accession          455D 
_struct_ref.pdbx_db_isoform            ? 
_struct_ref.pdbx_seq_one_letter_code   ? 
_struct_ref.pdbx_align_begin           ? 
# 
loop_
_struct_ref_seq.align_id 
_struct_ref_seq.ref_id 
_struct_ref_seq.pdbx_PDB_id_code 
_struct_ref_seq.pdbx_strand_id 
_struct_ref_seq.seq_align_beg 
_struct_ref_seq.pdbx_seq_align_beg_ins_code 
_struct_ref_seq.seq_align_end 
_struct_ref_seq.pdbx_seq_align_end_ins_code 
_struct_ref_seq.pdbx_db_accession 
_struct_ref_seq.db_align_beg 
_struct_ref_seq.pdbx_db_align_beg_ins_code 
_struct_ref_seq.db_align_end 
_struct_ref_seq.pdbx_db_align_end_ins_code 
_struct_ref_seq.pdbx_auth_seq_align_beg 
_struct_ref_seq.pdbx_auth_seq_align_end 
1 1 455D A 1 ? 12 ? 455D 1  ? 12 ? 1  12 
2 1 455D B 1 ? 12 ? 455D 13 ? 24 ? 13 24 
# 
_pdbx_struct_assembly.id                   1 
_pdbx_struct_assembly.details              author_defined_assembly 
_pdbx_struct_assembly.method_details       ? 
_pdbx_struct_assembly.oligomeric_details   dimeric 
_pdbx_struct_assembly.oligomeric_count     2 
# 
_pdbx_struct_assembly_gen.assembly_id       1 
_pdbx_struct_assembly_gen.oper_expression   1 
_pdbx_struct_assembly_gen.asym_id_list      A,B,C,D,E,F,G,H 
# 
_pdbx_struct_oper_list.id                   1 
_pdbx_struct_oper_list.type                 'identity operation' 
_pdbx_struct_oper_list.name                 1_555 
_pdbx_struct_oper_list.symmetry_operation   x,y,z 
_pdbx_struct_oper_list.matrix[1][1]         1.0000000000 
_pdbx_struct_oper_list.matrix[1][2]         0.0000000000 
_pdbx_struct_oper_list.matrix[1][3]         0.0000000000 
_pdbx_struct_oper_list.vector[1]            0.0000000000 
_pdbx_struct_oper_list.matrix[2][1]         0.0000000000 
_pdbx_struct_oper_list.matrix[2][2]         1.0000000000 
_pdbx_struct_oper_list.matrix[2][3]         0.0000000000 
_pdbx_struct_oper_list.vector[2]            0.0000000000 
_pdbx_struct_oper_list.matrix[3][1]         0.0000000000 
_pdbx_struct_oper_list.matrix[3][2]         0.0000000000 
_pdbx_struct_oper_list.matrix[3][3]         1.0000000000 
_pdbx_struct_oper_list.vector[3]            0.0000000000 
# 
loop_
_struct_conn.id 
_struct_conn.conn_type_id 
_struct_conn.pdbx_leaving_atom_flag 
_struct_conn.pdbx_PDB_id 
_struct_conn.ptnr1_label_asym_id 
_struct_conn.ptnr1_label_comp_id 
_struct_conn.ptnr1_label_seq_id 
_struct_conn.ptnr1_label_atom_id 
_struct_conn.pdbx_ptnr1_label_alt_id 
_struct_conn.pdbx_ptnr1_PDB_ins_code 
_struct_conn.pdbx_ptnr1_standard_comp_id 
_struct_conn.ptnr1_symmetry 
_struct_conn.ptnr2_label_asym_id 
_struct_conn.ptnr2_label_comp_id 
_struct_conn.ptnr2_label_seq_id 
_struct_conn.ptnr2_label_atom_id 
_struct_conn.pdbx_ptnr2_label_alt_id 
_struct_conn.pdbx_ptnr2_PDB_ins_code 
_struct_conn.ptnr1_auth_asym_id 
_struct_conn.ptnr1_auth_comp_id 
_struct_conn.ptnr1_auth_seq_id 
_struct_conn.ptnr2_auth_asym_id 
_struct_conn.ptnr2_auth_comp_id 
_struct_conn.ptnr2_auth_seq_id 
_struct_conn.ptnr2_symmetry 
_struct_conn.pdbx_ptnr3_label_atom_id 
_struct_conn.pdbx_ptnr3_label_seq_id 
_struct_conn.pdbx_ptnr3_label_comp_id 
_struct_conn.pdbx_ptnr3_label_asym_id 
_struct_conn.pdbx_ptnr3_label_alt_id 
_struct_conn.pdbx_ptnr3_PDB_ins_code 
_struct_conn.details 
_struct_conn.pdbx_dist_value 
_struct_conn.pdbx_value_order 
_struct_conn.pdbx_role 
covale1  covale none ? A DA 6  N6  ? ? ? 1_555 E SSP .  CA1 ? ? A DA 6  A SSP 27  1_555 ? ? ? ? ? ? ?            1.450 ? ? 
metalc1  metalc ?    ? C MG .  MG  ? ? ? 1_555 G HOH .  O   ? ? A MG 25 A HOH 167 1_555 ? ? ? ? ? ? ?            2.087 ? ? 
metalc2  metalc ?    ? C MG .  MG  ? ? ? 1_555 G HOH .  O   ? ? A MG 25 A HOH 168 1_555 ? ? ? ? ? ? ?            2.058 ? ? 
metalc3  metalc ?    ? C MG .  MG  ? ? ? 1_555 G HOH .  O   ? ? A MG 25 A HOH 169 1_555 ? ? ? ? ? ? ?            2.076 ? ? 
metalc4  metalc ?    ? C MG .  MG  ? ? ? 1_555 G HOH .  O   ? ? A MG 25 A HOH 171 1_555 ? ? ? ? ? ? ?            2.011 ? ? 
metalc5  metalc ?    ? C MG .  MG  ? ? ? 1_555 H HOH .  O   ? ? A MG 25 B HOH 170 1_555 ? ? ? ? ? ? ?            2.069 ? ? 
metalc6  metalc ?    ? C MG .  MG  ? ? ? 1_555 H HOH .  O   ? ? A MG 25 B HOH 172 1_555 ? ? ? ? ? ? ?            2.043 ? ? 
metalc7  metalc ?    ? D MG .  MG  ? ? ? 1_555 G HOH .  O   ? ? A MG 26 A HOH 173 1_555 ? ? ? ? ? ? ?            2.147 ? ? 
metalc8  metalc ?    ? D MG .  MG  ? ? ? 1_555 G HOH .  O   ? ? A MG 26 A HOH 174 1_555 ? ? ? ? ? ? ?            2.026 ? ? 
metalc9  metalc ?    ? D MG .  MG  ? ? ? 1_555 G HOH .  O   ? ? A MG 26 A HOH 175 1_555 ? ? ? ? ? ? ?            2.014 ? ? 
metalc10 metalc ?    ? D MG .  MG  ? ? ? 1_555 G HOH .  O   ? ? A MG 26 A HOH 176 1_555 ? ? ? ? ? ? ?            2.078 ? ? 
metalc11 metalc ?    ? D MG .  MG  ? ? ? 1_555 G HOH .  O   ? ? A MG 26 A HOH 177 1_555 ? ? ? ? ? ? ?            2.038 ? ? 
metalc12 metalc ?    ? D MG .  MG  ? ? ? 1_555 G HOH .  O   ? ? A MG 26 A HOH 178 1_555 ? ? ? ? ? ? ?            1.972 ? ? 
metalc13 metalc ?    ? B DA 5  OP1 ? ? ? 1_555 F MG  .  MG  ? ? B DA 17 B MG  27  1_555 ? ? ? ? ? ? ?            2.209 ? ? 
metalc14 metalc ?    ? F MG .  MG  ? ? ? 1_555 H HOH .  O   ? ? B MG 27 B HOH 179 1_555 ? ? ? ? ? ? ?            2.020 ? ? 
metalc15 metalc ?    ? F MG .  MG  ? ? ? 1_555 H HOH .  O   ? ? B MG 27 B HOH 180 1_555 ? ? ? ? ? ? ?            2.082 ? ? 
metalc16 metalc ?    ? F MG .  MG  ? ? ? 1_555 H HOH .  O   ? ? B MG 27 B HOH 182 1_555 ? ? ? ? ? ? ?            2.120 ? ? 
metalc17 metalc ?    ? F MG .  MG  ? ? ? 1_555 H HOH .  O   ? ? B MG 27 B HOH 183 1_555 ? ? ? ? ? ? ?            1.981 ? ? 
metalc18 metalc ?    ? F MG .  MG  ? ? ? 1_555 H HOH .  O   ? ? B MG 27 B HOH 184 1_555 ? ? ? ? ? ? ?            2.053 ? ? 
hydrog1  hydrog ?    ? A DC 1  N3  ? ? ? 1_555 B DG  12 N1  ? ? A DC 1  B DG  24  1_555 ? ? ? ? ? ? WATSON-CRICK ?     ? ? 
hydrog2  hydrog ?    ? A DC 1  N4  ? ? ? 1_555 B DG  12 O6  ? ? A DC 1  B DG  24  1_555 ? ? ? ? ? ? WATSON-CRICK ?     ? ? 
hydrog3  hydrog ?    ? A DC 1  O2  ? ? ? 1_555 B DG  12 N2  ? ? A DC 1  B DG  24  1_555 ? ? ? ? ? ? WATSON-CRICK ?     ? ? 
hydrog4  hydrog ?    ? A DG 2  N1  ? ? ? 1_555 B DC  11 N3  ? ? A DG 2  B DC  23  1_555 ? ? ? ? ? ? WATSON-CRICK ?     ? ? 
hydrog5  hydrog ?    ? A DG 2  N2  ? ? ? 1_555 B DC  11 O2  ? ? A DG 2  B DC  23  1_555 ? ? ? ? ? ? WATSON-CRICK ?     ? ? 
hydrog6  hydrog ?    ? A DG 2  O6  ? ? ? 1_555 B DC  11 N4  ? ? A DG 2  B DC  23  1_555 ? ? ? ? ? ? WATSON-CRICK ?     ? ? 
hydrog7  hydrog ?    ? A DC 3  N3  ? ? ? 1_555 B DG  10 N1  ? ? A DC 3  B DG  22  1_555 ? ? ? ? ? ? WATSON-CRICK ?     ? ? 
hydrog8  hydrog ?    ? A DC 3  N4  ? ? ? 1_555 B DG  10 O6  ? ? A DC 3  B DG  22  1_555 ? ? ? ? ? ? WATSON-CRICK ?     ? ? 
hydrog9  hydrog ?    ? A DC 3  O2  ? ? ? 1_555 B DG  10 N2  ? ? A DC 3  B DG  22  1_555 ? ? ? ? ? ? WATSON-CRICK ?     ? ? 
hydrog10 hydrog ?    ? A DG 4  N1  ? ? ? 1_555 B DC  9  N3  ? ? A DG 4  B DC  21  1_555 ? ? ? ? ? ? WATSON-CRICK ?     ? ? 
hydrog11 hydrog ?    ? A DG 4  N2  ? ? ? 1_555 B DC  9  O2  ? ? A DG 4  B DC  21  1_555 ? ? ? ? ? ? WATSON-CRICK ?     ? ? 
hydrog12 hydrog ?    ? A DG 4  O6  ? ? ? 1_555 B DC  9  N4  ? ? A DG 4  B DC  21  1_555 ? ? ? ? ? ? WATSON-CRICK ?     ? ? 
hydrog13 hydrog ?    ? A DA 5  N1  ? ? ? 1_555 B DT  8  N3  ? ? A DA 5  B DT  20  1_555 ? ? ? ? ? ? WATSON-CRICK ?     ? ? 
hydrog14 hydrog ?    ? A DA 5  N6  ? ? ? 1_555 B DT  8  O4  ? ? A DA 5  B DT  20  1_555 ? ? ? ? ? ? WATSON-CRICK ?     ? ? 
hydrog15 hydrog ?    ? A DA 6  N1  ? ? ? 1_555 B DT  7  N3  ? ? A DA 6  B DT  19  1_555 ? ? ? ? ? ? WATSON-CRICK ?     ? ? 
hydrog16 hydrog ?    ? A DA 6  N6  ? ? ? 1_555 B DT  7  O4  ? ? A DA 6  B DT  19  1_555 ? ? ? ? ? ? WATSON-CRICK ?     ? ? 
hydrog17 hydrog ?    ? A DT 7  N3  ? ? ? 1_555 B DA  6  N1  ? ? A DT 7  B DA  18  1_555 ? ? ? ? ? ? WATSON-CRICK ?     ? ? 
hydrog18 hydrog ?    ? A DT 7  O4  ? ? ? 1_555 B DA  6  N6  ? ? A DT 7  B DA  18  1_555 ? ? ? ? ? ? WATSON-CRICK ?     ? ? 
hydrog19 hydrog ?    ? A DT 8  N3  ? ? ? 1_555 B DA  5  N1  ? ? A DT 8  B DA  17  1_555 ? ? ? ? ? ? WATSON-CRICK ?     ? ? 
hydrog20 hydrog ?    ? A DT 8  O4  ? ? ? 1_555 B DA  5  N6  ? ? A DT 8  B DA  17  1_555 ? ? ? ? ? ? WATSON-CRICK ?     ? ? 
hydrog21 hydrog ?    ? A DC 9  N3  ? ? ? 1_555 B DG  4  N1  ? ? A DC 9  B DG  16  1_555 ? ? ? ? ? ? WATSON-CRICK ?     ? ? 
hydrog22 hydrog ?    ? A DC 9  N4  ? ? ? 1_555 B DG  4  O6  ? ? A DC 9  B DG  16  1_555 ? ? ? ? ? ? WATSON-CRICK ?     ? ? 
hydrog23 hydrog ?    ? A DC 9  O2  ? ? ? 1_555 B DG  4  N2  ? ? A DC 9  B DG  16  1_555 ? ? ? ? ? ? WATSON-CRICK ?     ? ? 
hydrog24 hydrog ?    ? A DG 10 N1  ? ? ? 1_555 B DC  3  N3  ? ? A DG 10 B DC  15  1_555 ? ? ? ? ? ? WATSON-CRICK ?     ? ? 
hydrog25 hydrog ?    ? A DG 10 N2  ? ? ? 1_555 B DC  3  O2  ? ? A DG 10 B DC  15  1_555 ? ? ? ? ? ? WATSON-CRICK ?     ? ? 
hydrog26 hydrog ?    ? A DG 10 O6  ? ? ? 1_555 B DC  3  N4  ? ? A DG 10 B DC  15  1_555 ? ? ? ? ? ? WATSON-CRICK ?     ? ? 
hydrog27 hydrog ?    ? A DC 11 N3  ? ? ? 1_555 B DG  2  N1  ? ? A DC 11 B DG  14  1_555 ? ? ? ? ? ? WATSON-CRICK ?     ? ? 
hydrog28 hydrog ?    ? A DC 11 N4  ? ? ? 1_555 B DG  2  O6  ? ? A DC 11 B DG  14  1_555 ? ? ? ? ? ? WATSON-CRICK ?     ? ? 
hydrog29 hydrog ?    ? A DC 11 O2  ? ? ? 1_555 B DG  2  N2  ? ? A DC 11 B DG  14  1_555 ? ? ? ? ? ? WATSON-CRICK ?     ? ? 
hydrog30 hydrog ?    ? A DG 12 N1  ? ? ? 1_555 B DC  1  N3  ? ? A DG 12 B DC  13  1_555 ? ? ? ? ? ? WATSON-CRICK ?     ? ? 
hydrog31 hydrog ?    ? A DG 12 N2  ? ? ? 1_555 B DC  1  O2  ? ? A DG 12 B DC  13  1_555 ? ? ? ? ? ? WATSON-CRICK ?     ? ? 
hydrog32 hydrog ?    ? A DG 12 O6  ? ? ? 1_555 B DC  1  N4  ? ? A DG 12 B DC  13  1_555 ? ? ? ? ? ? WATSON-CRICK ?     ? ? 
# 
loop_
_struct_conn_type.id 
_struct_conn_type.criteria 
_struct_conn_type.reference 
covale ? ? 
metalc ? ? 
hydrog ? ? 
# 
loop_
_pdbx_struct_conn_angle.id 
_pdbx_struct_conn_angle.ptnr1_label_atom_id 
_pdbx_struct_conn_angle.ptnr1_label_alt_id 
_pdbx_struct_conn_angle.ptnr1_label_asym_id 
_pdbx_struct_conn_angle.ptnr1_label_comp_id 
_pdbx_struct_conn_angle.ptnr1_label_seq_id 
_pdbx_struct_conn_angle.ptnr1_auth_atom_id 
_pdbx_struct_conn_angle.ptnr1_auth_asym_id 
_pdbx_struct_conn_angle.ptnr1_auth_comp_id 
_pdbx_struct_conn_angle.ptnr1_auth_seq_id 
_pdbx_struct_conn_angle.ptnr1_PDB_ins_code 
_pdbx_struct_conn_angle.ptnr1_symmetry 
_pdbx_struct_conn_angle.ptnr2_label_atom_id 
_pdbx_struct_conn_angle.ptnr2_label_alt_id 
_pdbx_struct_conn_angle.ptnr2_label_asym_id 
_pdbx_struct_conn_angle.ptnr2_label_comp_id 
_pdbx_struct_conn_angle.ptnr2_label_seq_id 
_pdbx_struct_conn_angle.ptnr2_auth_atom_id 
_pdbx_struct_conn_angle.ptnr2_auth_asym_id 
_pdbx_struct_conn_angle.ptnr2_auth_comp_id 
_pdbx_struct_conn_angle.ptnr2_auth_seq_id 
_pdbx_struct_conn_angle.ptnr2_PDB_ins_code 
_pdbx_struct_conn_angle.ptnr2_symmetry 
_pdbx_struct_conn_angle.ptnr3_label_atom_id 
_pdbx_struct_conn_angle.ptnr3_label_alt_id 
_pdbx_struct_conn_angle.ptnr3_label_asym_id 
_pdbx_struct_conn_angle.ptnr3_label_comp_id 
_pdbx_struct_conn_angle.ptnr3_label_seq_id 
_pdbx_struct_conn_angle.ptnr3_auth_atom_id 
_pdbx_struct_conn_angle.ptnr3_auth_asym_id 
_pdbx_struct_conn_angle.ptnr3_auth_comp_id 
_pdbx_struct_conn_angle.ptnr3_auth_seq_id 
_pdbx_struct_conn_angle.ptnr3_PDB_ins_code 
_pdbx_struct_conn_angle.ptnr3_symmetry 
_pdbx_struct_conn_angle.value 
_pdbx_struct_conn_angle.value_esd 
1  O   ? G HOH . ? A HOH 167 ? 1_555 MG ? C MG . ? A MG 25 ? 1_555 O ? G HOH . ? A HOH 168 ? 1_555 176.1 ? 
2  O   ? G HOH . ? A HOH 167 ? 1_555 MG ? C MG . ? A MG 25 ? 1_555 O ? G HOH . ? A HOH 169 ? 1_555 90.4  ? 
3  O   ? G HOH . ? A HOH 168 ? 1_555 MG ? C MG . ? A MG 25 ? 1_555 O ? G HOH . ? A HOH 169 ? 1_555 93.5  ? 
4  O   ? G HOH . ? A HOH 167 ? 1_555 MG ? C MG . ? A MG 25 ? 1_555 O ? G HOH . ? A HOH 171 ? 1_555 89.9  ? 
5  O   ? G HOH . ? A HOH 168 ? 1_555 MG ? C MG . ? A MG 25 ? 1_555 O ? G HOH . ? A HOH 171 ? 1_555 90.2  ? 
6  O   ? G HOH . ? A HOH 169 ? 1_555 MG ? C MG . ? A MG 25 ? 1_555 O ? G HOH . ? A HOH 171 ? 1_555 87.4  ? 
7  O   ? G HOH . ? A HOH 167 ? 1_555 MG ? C MG . ? A MG 25 ? 1_555 O ? H HOH . ? B HOH 170 ? 1_555 89.6  ? 
8  O   ? G HOH . ? A HOH 168 ? 1_555 MG ? C MG . ? A MG 25 ? 1_555 O ? H HOH . ? B HOH 170 ? 1_555 86.5  ? 
9  O   ? G HOH . ? A HOH 169 ? 1_555 MG ? C MG . ? A MG 25 ? 1_555 O ? H HOH . ? B HOH 170 ? 1_555 176.8 ? 
10 O   ? G HOH . ? A HOH 171 ? 1_555 MG ? C MG . ? A MG 25 ? 1_555 O ? H HOH . ? B HOH 170 ? 1_555 95.8  ? 
11 O   ? G HOH . ? A HOH 167 ? 1_555 MG ? C MG . ? A MG 25 ? 1_555 O ? H HOH . ? B HOH 172 ? 1_555 92.4  ? 
12 O   ? G HOH . ? A HOH 168 ? 1_555 MG ? C MG . ? A MG 25 ? 1_555 O ? H HOH . ? B HOH 172 ? 1_555 87.7  ? 
13 O   ? G HOH . ? A HOH 169 ? 1_555 MG ? C MG . ? A MG 25 ? 1_555 O ? H HOH . ? B HOH 172 ? 1_555 88.3  ? 
14 O   ? G HOH . ? A HOH 171 ? 1_555 MG ? C MG . ? A MG 25 ? 1_555 O ? H HOH . ? B HOH 172 ? 1_555 175.1 ? 
15 O   ? H HOH . ? B HOH 170 ? 1_555 MG ? C MG . ? A MG 25 ? 1_555 O ? H HOH . ? B HOH 172 ? 1_555 88.4  ? 
16 O   ? G HOH . ? A HOH 173 ? 1_555 MG ? D MG . ? A MG 26 ? 1_555 O ? G HOH . ? A HOH 174 ? 1_555 169.0 ? 
17 O   ? G HOH . ? A HOH 173 ? 1_555 MG ? D MG . ? A MG 26 ? 1_555 O ? G HOH . ? A HOH 175 ? 1_555 93.1  ? 
18 O   ? G HOH . ? A HOH 174 ? 1_555 MG ? D MG . ? A MG 26 ? 1_555 O ? G HOH . ? A HOH 175 ? 1_555 81.6  ? 
19 O   ? G HOH . ? A HOH 173 ? 1_555 MG ? D MG . ? A MG 26 ? 1_555 O ? G HOH . ? A HOH 176 ? 1_555 88.1  ? 
20 O   ? G HOH . ? A HOH 174 ? 1_555 MG ? D MG . ? A MG 26 ? 1_555 O ? G HOH . ? A HOH 176 ? 1_555 97.4  ? 
21 O   ? G HOH . ? A HOH 175 ? 1_555 MG ? D MG . ? A MG 26 ? 1_555 O ? G HOH . ? A HOH 176 ? 1_555 178.5 ? 
22 O   ? G HOH . ? A HOH 173 ? 1_555 MG ? D MG . ? A MG 26 ? 1_555 O ? G HOH . ? A HOH 177 ? 1_555 84.4  ? 
23 O   ? G HOH . ? A HOH 174 ? 1_555 MG ? D MG . ? A MG 26 ? 1_555 O ? G HOH . ? A HOH 177 ? 1_555 86.2  ? 
24 O   ? G HOH . ? A HOH 175 ? 1_555 MG ? D MG . ? A MG 26 ? 1_555 O ? G HOH . ? A HOH 177 ? 1_555 92.4  ? 
25 O   ? G HOH . ? A HOH 176 ? 1_555 MG ? D MG . ? A MG 26 ? 1_555 O ? G HOH . ? A HOH 177 ? 1_555 88.7  ? 
26 O   ? G HOH . ? A HOH 173 ? 1_555 MG ? D MG . ? A MG 26 ? 1_555 O ? G HOH . ? A HOH 178 ? 1_555 91.2  ? 
27 O   ? G HOH . ? A HOH 174 ? 1_555 MG ? D MG . ? A MG 26 ? 1_555 O ? G HOH . ? A HOH 178 ? 1_555 98.3  ? 
28 O   ? G HOH . ? A HOH 175 ? 1_555 MG ? D MG . ? A MG 26 ? 1_555 O ? G HOH . ? A HOH 178 ? 1_555 89.2  ? 
29 O   ? G HOH . ? A HOH 176 ? 1_555 MG ? D MG . ? A MG 26 ? 1_555 O ? G HOH . ? A HOH 178 ? 1_555 89.9  ? 
30 O   ? G HOH . ? A HOH 177 ? 1_555 MG ? D MG . ? A MG 26 ? 1_555 O ? G HOH . ? A HOH 178 ? 1_555 175.4 ? 
31 OP1 ? B DA  5 ? B DA  17  ? 1_555 MG ? F MG . ? B MG 27 ? 1_555 O ? H HOH . ? B HOH 179 ? 1_555 93.5  ? 
32 OP1 ? B DA  5 ? B DA  17  ? 1_555 MG ? F MG . ? B MG 27 ? 1_555 O ? H HOH . ? B HOH 180 ? 1_555 86.3  ? 
33 O   ? H HOH . ? B HOH 179 ? 1_555 MG ? F MG . ? B MG 27 ? 1_555 O ? H HOH . ? B HOH 180 ? 1_555 169.7 ? 
34 OP1 ? B DA  5 ? B DA  17  ? 1_555 MG ? F MG . ? B MG 27 ? 1_555 O ? H HOH . ? B HOH 182 ? 1_555 81.8  ? 
35 O   ? H HOH . ? B HOH 179 ? 1_555 MG ? F MG . ? B MG 27 ? 1_555 O ? H HOH . ? B HOH 182 ? 1_555 95.6  ? 
36 O   ? H HOH . ? B HOH 180 ? 1_555 MG ? F MG . ? B MG 27 ? 1_555 O ? H HOH . ? B HOH 182 ? 1_555 94.6  ? 
37 OP1 ? B DA  5 ? B DA  17  ? 1_555 MG ? F MG . ? B MG 27 ? 1_555 O ? H HOH . ? B HOH 183 ? 1_555 98.5  ? 
38 O   ? H HOH . ? B HOH 179 ? 1_555 MG ? F MG . ? B MG 27 ? 1_555 O ? H HOH . ? B HOH 183 ? 1_555 85.1  ? 
39 O   ? H HOH . ? B HOH 180 ? 1_555 MG ? F MG . ? B MG 27 ? 1_555 O ? H HOH . ? B HOH 183 ? 1_555 84.7  ? 
40 O   ? H HOH . ? B HOH 182 ? 1_555 MG ? F MG . ? B MG 27 ? 1_555 O ? H HOH . ? B HOH 183 ? 1_555 179.3 ? 
41 OP1 ? B DA  5 ? B DA  17  ? 1_555 MG ? F MG . ? B MG 27 ? 1_555 O ? H HOH . ? B HOH 184 ? 1_555 168.5 ? 
42 O   ? H HOH . ? B HOH 179 ? 1_555 MG ? F MG . ? B MG 27 ? 1_555 O ? H HOH . ? B HOH 184 ? 1_555 92.7  ? 
43 O   ? H HOH . ? B HOH 180 ? 1_555 MG ? F MG . ? B MG 27 ? 1_555 O ? H HOH . ? B HOH 184 ? 1_555 89.5  ? 
44 O   ? H HOH . ? B HOH 182 ? 1_555 MG ? F MG . ? B MG 27 ? 1_555 O ? H HOH . ? B HOH 184 ? 1_555 88.0  ? 
45 O   ? H HOH . ? B HOH 183 ? 1_555 MG ? F MG . ? B MG 27 ? 1_555 O ? H HOH . ? B HOH 184 ? 1_555 91.7  ? 
# 
loop_
_struct_site.id 
_struct_site.pdbx_evidence_code 
_struct_site.pdbx_auth_asym_id 
_struct_site.pdbx_auth_comp_id 
_struct_site.pdbx_auth_seq_id 
_struct_site.pdbx_auth_ins_code 
_struct_site.pdbx_num_residues 
_struct_site.details 
AC1 Software A MG  25 ? 6 'BINDING SITE FOR RESIDUE MG A 25'  
AC2 Software A MG  26 ? 6 'BINDING SITE FOR RESIDUE MG A 26'  
AC3 Software B MG  27 ? 6 'BINDING SITE FOR RESIDUE MG B 27'  
AC4 Software A SSP 27 ? 6 'BINDING SITE FOR RESIDUE SSP A 27' 
# 
loop_
_struct_site_gen.id 
_struct_site_gen.site_id 
_struct_site_gen.pdbx_num_res 
_struct_site_gen.label_comp_id 
_struct_site_gen.label_asym_id 
_struct_site_gen.label_seq_id 
_struct_site_gen.pdbx_auth_ins_code 
_struct_site_gen.auth_comp_id 
_struct_site_gen.auth_asym_id 
_struct_site_gen.auth_seq_id 
_struct_site_gen.label_atom_id 
_struct_site_gen.label_alt_id 
_struct_site_gen.symmetry 
_struct_site_gen.details 
1  AC1 6 HOH G . ? HOH A 167 . ? 1_555 ? 
2  AC1 6 HOH G . ? HOH A 168 . ? 1_555 ? 
3  AC1 6 HOH G . ? HOH A 169 . ? 1_555 ? 
4  AC1 6 HOH G . ? HOH A 171 . ? 1_555 ? 
5  AC1 6 HOH H . ? HOH B 170 . ? 1_555 ? 
6  AC1 6 HOH H . ? HOH B 172 . ? 1_555 ? 
7  AC2 6 HOH G . ? HOH A 173 . ? 1_555 ? 
8  AC2 6 HOH G . ? HOH A 174 . ? 1_555 ? 
9  AC2 6 HOH G . ? HOH A 175 . ? 1_555 ? 
10 AC2 6 HOH G . ? HOH A 176 . ? 1_555 ? 
11 AC2 6 HOH G . ? HOH A 177 . ? 1_555 ? 
12 AC2 6 HOH G . ? HOH A 178 . ? 1_555 ? 
13 AC3 6 DA  B 5 ? DA  B 17  . ? 1_555 ? 
14 AC3 6 HOH H . ? HOH B 179 . ? 1_555 ? 
15 AC3 6 HOH H . ? HOH B 180 . ? 1_555 ? 
16 AC3 6 HOH H . ? HOH B 182 . ? 1_555 ? 
17 AC3 6 HOH H . ? HOH B 183 . ? 1_555 ? 
18 AC3 6 HOH H . ? HOH B 184 . ? 1_555 ? 
19 AC4 6 DA  A 5 ? DA  A 5   . ? 1_555 ? 
20 AC4 6 DA  A 6 ? DA  A 6   . ? 1_555 ? 
21 AC4 6 DT  A 7 ? DT  A 7   . ? 1_555 ? 
22 AC4 6 DA  B 5 ? DA  B 17  . ? 1_555 ? 
23 AC4 6 DA  B 6 ? DA  B 18  . ? 1_555 ? 
24 AC4 6 DT  B 7 ? DT  B 19  . ? 1_555 ? 
# 
_pdbx_validate_close_contact.id               1 
_pdbx_validate_close_contact.PDB_model_num    1 
_pdbx_validate_close_contact.auth_atom_id_1   N6 
_pdbx_validate_close_contact.auth_asym_id_1   B 
_pdbx_validate_close_contact.auth_comp_id_1   DA 
_pdbx_validate_close_contact.auth_seq_id_1    18 
_pdbx_validate_close_contact.PDB_ins_code_1   ? 
_pdbx_validate_close_contact.label_alt_id_1   ? 
_pdbx_validate_close_contact.auth_atom_id_2   CA2 
_pdbx_validate_close_contact.auth_asym_id_2   A 
_pdbx_validate_close_contact.auth_comp_id_2   SSP 
_pdbx_validate_close_contact.auth_seq_id_2    27 
_pdbx_validate_close_contact.PDB_ins_code_2   ? 
_pdbx_validate_close_contact.label_alt_id_2   ? 
_pdbx_validate_close_contact.dist             1.45 
# 
loop_
_pdbx_distant_solvent_atoms.id 
_pdbx_distant_solvent_atoms.PDB_model_num 
_pdbx_distant_solvent_atoms.auth_atom_id 
_pdbx_distant_solvent_atoms.label_alt_id 
_pdbx_distant_solvent_atoms.auth_asym_id 
_pdbx_distant_solvent_atoms.auth_comp_id 
_pdbx_distant_solvent_atoms.auth_seq_id 
_pdbx_distant_solvent_atoms.PDB_ins_code 
_pdbx_distant_solvent_atoms.neighbor_macromolecule_distance 
_pdbx_distant_solvent_atoms.neighbor_ligand_distance 
1 1 O ? A HOH 41  ? 6.07 . 
2 1 O ? A HOH 89  ? 6.29 . 
3 1 O ? A HOH 94  ? 6.31 . 
4 1 O ? A HOH 155 ? 7.59 . 
5 1 O ? A HOH 156 ? 6.51 . 
6 1 O ? B HOH 120 ? 6.04 . 
7 1 O ? B HOH 139 ? 6.50 . 
8 1 O ? B HOH 161 ? 6.28 . 
# 
loop_
_chem_comp_atom.comp_id 
_chem_comp_atom.atom_id 
_chem_comp_atom.type_symbol 
_chem_comp_atom.pdbx_aromatic_flag 
_chem_comp_atom.pdbx_stereo_config 
_chem_comp_atom.pdbx_ordinal 
DA  OP3    O  N N 1   
DA  P      P  N N 2   
DA  OP1    O  N N 3   
DA  OP2    O  N N 4   
DA  "O5'"  O  N N 5   
DA  "C5'"  C  N N 6   
DA  "C4'"  C  N R 7   
DA  "O4'"  O  N N 8   
DA  "C3'"  C  N S 9   
DA  "O3'"  O  N N 10  
DA  "C2'"  C  N N 11  
DA  "C1'"  C  N R 12  
DA  N9     N  Y N 13  
DA  C8     C  Y N 14  
DA  N7     N  Y N 15  
DA  C5     C  Y N 16  
DA  C6     C  Y N 17  
DA  N6     N  N N 18  
DA  N1     N  Y N 19  
DA  C2     C  Y N 20  
DA  N3     N  Y N 21  
DA  C4     C  Y N 22  
DA  HOP3   H  N N 23  
DA  HOP2   H  N N 24  
DA  "H5'"  H  N N 25  
DA  "H5''" H  N N 26  
DA  "H4'"  H  N N 27  
DA  "H3'"  H  N N 28  
DA  "HO3'" H  N N 29  
DA  "H2'"  H  N N 30  
DA  "H2''" H  N N 31  
DA  "H1'"  H  N N 32  
DA  H8     H  N N 33  
DA  H61    H  N N 34  
DA  H62    H  N N 35  
DA  H2     H  N N 36  
DC  OP3    O  N N 37  
DC  P      P  N N 38  
DC  OP1    O  N N 39  
DC  OP2    O  N N 40  
DC  "O5'"  O  N N 41  
DC  "C5'"  C  N N 42  
DC  "C4'"  C  N R 43  
DC  "O4'"  O  N N 44  
DC  "C3'"  C  N S 45  
DC  "O3'"  O  N N 46  
DC  "C2'"  C  N N 47  
DC  "C1'"  C  N R 48  
DC  N1     N  N N 49  
DC  C2     C  N N 50  
DC  O2     O  N N 51  
DC  N3     N  N N 52  
DC  C4     C  N N 53  
DC  N4     N  N N 54  
DC  C5     C  N N 55  
DC  C6     C  N N 56  
DC  HOP3   H  N N 57  
DC  HOP2   H  N N 58  
DC  "H5'"  H  N N 59  
DC  "H5''" H  N N 60  
DC  "H4'"  H  N N 61  
DC  "H3'"  H  N N 62  
DC  "HO3'" H  N N 63  
DC  "H2'"  H  N N 64  
DC  "H2''" H  N N 65  
DC  "H1'"  H  N N 66  
DC  H41    H  N N 67  
DC  H42    H  N N 68  
DC  H5     H  N N 69  
DC  H6     H  N N 70  
DG  OP3    O  N N 71  
DG  P      P  N N 72  
DG  OP1    O  N N 73  
DG  OP2    O  N N 74  
DG  "O5'"  O  N N 75  
DG  "C5'"  C  N N 76  
DG  "C4'"  C  N R 77  
DG  "O4'"  O  N N 78  
DG  "C3'"  C  N S 79  
DG  "O3'"  O  N N 80  
DG  "C2'"  C  N N 81  
DG  "C1'"  C  N R 82  
DG  N9     N  Y N 83  
DG  C8     C  Y N 84  
DG  N7     N  Y N 85  
DG  C5     C  Y N 86  
DG  C6     C  N N 87  
DG  O6     O  N N 88  
DG  N1     N  N N 89  
DG  C2     C  N N 90  
DG  N2     N  N N 91  
DG  N3     N  N N 92  
DG  C4     C  Y N 93  
DG  HOP3   H  N N 94  
DG  HOP2   H  N N 95  
DG  "H5'"  H  N N 96  
DG  "H5''" H  N N 97  
DG  "H4'"  H  N N 98  
DG  "H3'"  H  N N 99  
DG  "HO3'" H  N N 100 
DG  "H2'"  H  N N 101 
DG  "H2''" H  N N 102 
DG  "H1'"  H  N N 103 
DG  H8     H  N N 104 
DG  H1     H  N N 105 
DG  H21    H  N N 106 
DG  H22    H  N N 107 
DT  OP3    O  N N 108 
DT  P      P  N N 109 
DT  OP1    O  N N 110 
DT  OP2    O  N N 111 
DT  "O5'"  O  N N 112 
DT  "C5'"  C  N N 113 
DT  "C4'"  C  N R 114 
DT  "O4'"  O  N N 115 
DT  "C3'"  C  N S 116 
DT  "O3'"  O  N N 117 
DT  "C2'"  C  N N 118 
DT  "C1'"  C  N R 119 
DT  N1     N  N N 120 
DT  C2     C  N N 121 
DT  O2     O  N N 122 
DT  N3     N  N N 123 
DT  C4     C  N N 124 
DT  O4     O  N N 125 
DT  C5     C  N N 126 
DT  C7     C  N N 127 
DT  C6     C  N N 128 
DT  HOP3   H  N N 129 
DT  HOP2   H  N N 130 
DT  "H5'"  H  N N 131 
DT  "H5''" H  N N 132 
DT  "H4'"  H  N N 133 
DT  "H3'"  H  N N 134 
DT  "HO3'" H  N N 135 
DT  "H2'"  H  N N 136 
DT  "H2''" H  N N 137 
DT  "H1'"  H  N N 138 
DT  H3     H  N N 139 
DT  H71    H  N N 140 
DT  H72    H  N N 141 
DT  H73    H  N N 142 
DT  H6     H  N N 143 
HOH O      O  N N 144 
HOH H1     H  N N 145 
HOH H2     H  N N 146 
MG  MG     MG N N 147 
SSP S1     S  N N 148 
SSP S2     S  N N 149 
SSP CA1    C  N N 150 
SSP CB1    C  N N 151 
SSP CG1    C  N N 152 
SSP CA2    C  N N 153 
SSP CB2    C  N N 154 
SSP CG2    C  N N 155 
SSP HA11   H  N N 156 
SSP HA12   H  N N 157 
SSP HA13   H  N N 158 
SSP HB11   H  N N 159 
SSP HB12   H  N N 160 
SSP HG11   H  N N 161 
SSP HG12   H  N N 162 
SSP HA21   H  N N 163 
SSP HA22   H  N N 164 
SSP HA23   H  N N 165 
SSP HB21   H  N N 166 
SSP HB22   H  N N 167 
SSP HG21   H  N N 168 
SSP HG22   H  N N 169 
# 
loop_
_chem_comp_bond.comp_id 
_chem_comp_bond.atom_id_1 
_chem_comp_bond.atom_id_2 
_chem_comp_bond.value_order 
_chem_comp_bond.pdbx_aromatic_flag 
_chem_comp_bond.pdbx_stereo_config 
_chem_comp_bond.pdbx_ordinal 
DA  OP3   P      sing N N 1   
DA  OP3   HOP3   sing N N 2   
DA  P     OP1    doub N N 3   
DA  P     OP2    sing N N 4   
DA  P     "O5'"  sing N N 5   
DA  OP2   HOP2   sing N N 6   
DA  "O5'" "C5'"  sing N N 7   
DA  "C5'" "C4'"  sing N N 8   
DA  "C5'" "H5'"  sing N N 9   
DA  "C5'" "H5''" sing N N 10  
DA  "C4'" "O4'"  sing N N 11  
DA  "C4'" "C3'"  sing N N 12  
DA  "C4'" "H4'"  sing N N 13  
DA  "O4'" "C1'"  sing N N 14  
DA  "C3'" "O3'"  sing N N 15  
DA  "C3'" "C2'"  sing N N 16  
DA  "C3'" "H3'"  sing N N 17  
DA  "O3'" "HO3'" sing N N 18  
DA  "C2'" "C1'"  sing N N 19  
DA  "C2'" "H2'"  sing N N 20  
DA  "C2'" "H2''" sing N N 21  
DA  "C1'" N9     sing N N 22  
DA  "C1'" "H1'"  sing N N 23  
DA  N9    C8     sing Y N 24  
DA  N9    C4     sing Y N 25  
DA  C8    N7     doub Y N 26  
DA  C8    H8     sing N N 27  
DA  N7    C5     sing Y N 28  
DA  C5    C6     sing Y N 29  
DA  C5    C4     doub Y N 30  
DA  C6    N6     sing N N 31  
DA  C6    N1     doub Y N 32  
DA  N6    H61    sing N N 33  
DA  N6    H62    sing N N 34  
DA  N1    C2     sing Y N 35  
DA  C2    N3     doub Y N 36  
DA  C2    H2     sing N N 37  
DA  N3    C4     sing Y N 38  
DC  OP3   P      sing N N 39  
DC  OP3   HOP3   sing N N 40  
DC  P     OP1    doub N N 41  
DC  P     OP2    sing N N 42  
DC  P     "O5'"  sing N N 43  
DC  OP2   HOP2   sing N N 44  
DC  "O5'" "C5'"  sing N N 45  
DC  "C5'" "C4'"  sing N N 46  
DC  "C5'" "H5'"  sing N N 47  
DC  "C5'" "H5''" sing N N 48  
DC  "C4'" "O4'"  sing N N 49  
DC  "C4'" "C3'"  sing N N 50  
DC  "C4'" "H4'"  sing N N 51  
DC  "O4'" "C1'"  sing N N 52  
DC  "C3'" "O3'"  sing N N 53  
DC  "C3'" "C2'"  sing N N 54  
DC  "C3'" "H3'"  sing N N 55  
DC  "O3'" "HO3'" sing N N 56  
DC  "C2'" "C1'"  sing N N 57  
DC  "C2'" "H2'"  sing N N 58  
DC  "C2'" "H2''" sing N N 59  
DC  "C1'" N1     sing N N 60  
DC  "C1'" "H1'"  sing N N 61  
DC  N1    C2     sing N N 62  
DC  N1    C6     sing N N 63  
DC  C2    O2     doub N N 64  
DC  C2    N3     sing N N 65  
DC  N3    C4     doub N N 66  
DC  C4    N4     sing N N 67  
DC  C4    C5     sing N N 68  
DC  N4    H41    sing N N 69  
DC  N4    H42    sing N N 70  
DC  C5    C6     doub N N 71  
DC  C5    H5     sing N N 72  
DC  C6    H6     sing N N 73  
DG  OP3   P      sing N N 74  
DG  OP3   HOP3   sing N N 75  
DG  P     OP1    doub N N 76  
DG  P     OP2    sing N N 77  
DG  P     "O5'"  sing N N 78  
DG  OP2   HOP2   sing N N 79  
DG  "O5'" "C5'"  sing N N 80  
DG  "C5'" "C4'"  sing N N 81  
DG  "C5'" "H5'"  sing N N 82  
DG  "C5'" "H5''" sing N N 83  
DG  "C4'" "O4'"  sing N N 84  
DG  "C4'" "C3'"  sing N N 85  
DG  "C4'" "H4'"  sing N N 86  
DG  "O4'" "C1'"  sing N N 87  
DG  "C3'" "O3'"  sing N N 88  
DG  "C3'" "C2'"  sing N N 89  
DG  "C3'" "H3'"  sing N N 90  
DG  "O3'" "HO3'" sing N N 91  
DG  "C2'" "C1'"  sing N N 92  
DG  "C2'" "H2'"  sing N N 93  
DG  "C2'" "H2''" sing N N 94  
DG  "C1'" N9     sing N N 95  
DG  "C1'" "H1'"  sing N N 96  
DG  N9    C8     sing Y N 97  
DG  N9    C4     sing Y N 98  
DG  C8    N7     doub Y N 99  
DG  C8    H8     sing N N 100 
DG  N7    C5     sing Y N 101 
DG  C5    C6     sing N N 102 
DG  C5    C4     doub Y N 103 
DG  C6    O6     doub N N 104 
DG  C6    N1     sing N N 105 
DG  N1    C2     sing N N 106 
DG  N1    H1     sing N N 107 
DG  C2    N2     sing N N 108 
DG  C2    N3     doub N N 109 
DG  N2    H21    sing N N 110 
DG  N2    H22    sing N N 111 
DG  N3    C4     sing N N 112 
DT  OP3   P      sing N N 113 
DT  OP3   HOP3   sing N N 114 
DT  P     OP1    doub N N 115 
DT  P     OP2    sing N N 116 
DT  P     "O5'"  sing N N 117 
DT  OP2   HOP2   sing N N 118 
DT  "O5'" "C5'"  sing N N 119 
DT  "C5'" "C4'"  sing N N 120 
DT  "C5'" "H5'"  sing N N 121 
DT  "C5'" "H5''" sing N N 122 
DT  "C4'" "O4'"  sing N N 123 
DT  "C4'" "C3'"  sing N N 124 
DT  "C4'" "H4'"  sing N N 125 
DT  "O4'" "C1'"  sing N N 126 
DT  "C3'" "O3'"  sing N N 127 
DT  "C3'" "C2'"  sing N N 128 
DT  "C3'" "H3'"  sing N N 129 
DT  "O3'" "HO3'" sing N N 130 
DT  "C2'" "C1'"  sing N N 131 
DT  "C2'" "H2'"  sing N N 132 
DT  "C2'" "H2''" sing N N 133 
DT  "C1'" N1     sing N N 134 
DT  "C1'" "H1'"  sing N N 135 
DT  N1    C2     sing N N 136 
DT  N1    C6     sing N N 137 
DT  C2    O2     doub N N 138 
DT  C2    N3     sing N N 139 
DT  N3    C4     sing N N 140 
DT  N3    H3     sing N N 141 
DT  C4    O4     doub N N 142 
DT  C4    C5     sing N N 143 
DT  C5    C7     sing N N 144 
DT  C5    C6     doub N N 145 
DT  C7    H71    sing N N 146 
DT  C7    H72    sing N N 147 
DT  C7    H73    sing N N 148 
DT  C6    H6     sing N N 149 
HOH O     H1     sing N N 150 
HOH O     H2     sing N N 151 
SSP S1    S2     sing N N 152 
SSP S1    CG1    sing N N 153 
SSP S2    CG2    sing N N 154 
SSP CA1   CB1    sing N N 155 
SSP CA1   HA11   sing N N 156 
SSP CA1   HA12   sing N N 157 
SSP CA1   HA13   sing N N 158 
SSP CB1   CG1    sing N N 159 
SSP CB1   HB11   sing N N 160 
SSP CB1   HB12   sing N N 161 
SSP CG1   HG11   sing N N 162 
SSP CG1   HG12   sing N N 163 
SSP CA2   CB2    sing N N 164 
SSP CA2   HA21   sing N N 165 
SSP CA2   HA22   sing N N 166 
SSP CA2   HA23   sing N N 167 
SSP CB2   CG2    sing N N 168 
SSP CB2   HB21   sing N N 169 
SSP CB2   HB22   sing N N 170 
SSP CG2   HG21   sing N N 171 
SSP CG2   HG22   sing N N 172 
# 
_ndb_struct_conf_na.entry_id   455D 
_ndb_struct_conf_na.feature    'b-form double helix' 
# 
loop_
_ndb_struct_na_base_pair.model_number 
_ndb_struct_na_base_pair.i_label_asym_id 
_ndb_struct_na_base_pair.i_label_comp_id 
_ndb_struct_na_base_pair.i_label_seq_id 
_ndb_struct_na_base_pair.i_symmetry 
_ndb_struct_na_base_pair.j_label_asym_id 
_ndb_struct_na_base_pair.j_label_comp_id 
_ndb_struct_na_base_pair.j_label_seq_id 
_ndb_struct_na_base_pair.j_symmetry 
_ndb_struct_na_base_pair.shear 
_ndb_struct_na_base_pair.stretch 
_ndb_struct_na_base_pair.stagger 
_ndb_struct_na_base_pair.buckle 
_ndb_struct_na_base_pair.propeller 
_ndb_struct_na_base_pair.opening 
_ndb_struct_na_base_pair.pair_number 
_ndb_struct_na_base_pair.pair_name 
_ndb_struct_na_base_pair.i_auth_asym_id 
_ndb_struct_na_base_pair.i_auth_seq_id 
_ndb_struct_na_base_pair.i_PDB_ins_code 
_ndb_struct_na_base_pair.j_auth_asym_id 
_ndb_struct_na_base_pair.j_auth_seq_id 
_ndb_struct_na_base_pair.j_PDB_ins_code 
_ndb_struct_na_base_pair.hbond_type_28 
_ndb_struct_na_base_pair.hbond_type_12 
1 A DC 1  1_555 B DG 12 1_555 0.438  -0.175 0.172  5.497  -21.354 2.333  1  A_DC1:DG24_B  A 1  ? B 24 ? 19 1 
1 A DG 2  1_555 B DC 11 1_555 -0.206 -0.186 0.149  0.285  -6.869  -1.282 2  A_DG2:DC23_B  A 2  ? B 23 ? 19 1 
1 A DC 3  1_555 B DG 10 1_555 0.100  -0.155 0.140  0.083  -7.238  -0.306 3  A_DC3:DG22_B  A 3  ? B 22 ? 19 1 
1 A DG 4  1_555 B DC 9  1_555 -0.305 -0.138 0.074  10.097 -15.396 1.509  4  A_DG4:DC21_B  A 4  ? B 21 ? 19 1 
1 A DA 5  1_555 B DT 8  1_555 0.129  -0.150 -0.115 -0.226 -13.713 0.658  5  A_DA5:DT20_B  A 5  ? B 20 ? 20 1 
1 A DA 6  1_555 B DT 7  1_555 0.028  -0.070 0.102  -0.716 -9.725  5.267  6  A_DA6:DT19_B  A 6  ? B 19 ? 20 1 
1 A DT 7  1_555 B DA 6  1_555 -0.110 -0.119 0.109  -0.035 -9.787  2.774  7  A_DT7:DA18_B  A 7  ? B 18 ? 20 1 
1 A DT 8  1_555 B DA 5  1_555 -0.100 -0.116 -0.194 2.875  -10.489 3.331  8  A_DT8:DA17_B  A 8  ? B 17 ? 20 1 
1 A DC 9  1_555 B DG 4  1_555 0.295  -0.064 0.082  -9.825 -11.586 -0.658 9  A_DC9:DG16_B  A 9  ? B 16 ? 19 1 
1 A DG 10 1_555 B DC 3  1_555 -0.070 -0.140 0.203  4.632  -7.747  0.133  10 A_DG10:DC15_B A 10 ? B 15 ? 19 1 
1 A DC 11 1_555 B DG 2  1_555 0.169  -0.202 0.252  4.522  -22.448 -1.378 11 A_DC11:DG14_B A 11 ? B 14 ? 19 1 
1 A DG 12 1_555 B DC 1  1_555 -0.187 -0.149 0.261  9.864  10.279  -3.014 12 A_DG12:DC13_B A 12 ? B 13 ? 19 1 
# 
loop_
_ndb_struct_na_base_pair_step.model_number 
_ndb_struct_na_base_pair_step.i_label_asym_id_1 
_ndb_struct_na_base_pair_step.i_label_comp_id_1 
_ndb_struct_na_base_pair_step.i_label_seq_id_1 
_ndb_struct_na_base_pair_step.i_symmetry_1 
_ndb_struct_na_base_pair_step.j_label_asym_id_1 
_ndb_struct_na_base_pair_step.j_label_comp_id_1 
_ndb_struct_na_base_pair_step.j_label_seq_id_1 
_ndb_struct_na_base_pair_step.j_symmetry_1 
_ndb_struct_na_base_pair_step.i_label_asym_id_2 
_ndb_struct_na_base_pair_step.i_label_comp_id_2 
_ndb_struct_na_base_pair_step.i_label_seq_id_2 
_ndb_struct_na_base_pair_step.i_symmetry_2 
_ndb_struct_na_base_pair_step.j_label_asym_id_2 
_ndb_struct_na_base_pair_step.j_label_comp_id_2 
_ndb_struct_na_base_pair_step.j_label_seq_id_2 
_ndb_struct_na_base_pair_step.j_symmetry_2 
_ndb_struct_na_base_pair_step.shift 
_ndb_struct_na_base_pair_step.slide 
_ndb_struct_na_base_pair_step.rise 
_ndb_struct_na_base_pair_step.tilt 
_ndb_struct_na_base_pair_step.roll 
_ndb_struct_na_base_pair_step.twist 
_ndb_struct_na_base_pair_step.x_displacement 
_ndb_struct_na_base_pair_step.y_displacement 
_ndb_struct_na_base_pair_step.helical_rise 
_ndb_struct_na_base_pair_step.inclination 
_ndb_struct_na_base_pair_step.tip 
_ndb_struct_na_base_pair_step.helical_twist 
_ndb_struct_na_base_pair_step.step_number 
_ndb_struct_na_base_pair_step.step_name 
_ndb_struct_na_base_pair_step.i_auth_asym_id_1 
_ndb_struct_na_base_pair_step.i_auth_seq_id_1 
_ndb_struct_na_base_pair_step.i_PDB_ins_code_1 
_ndb_struct_na_base_pair_step.j_auth_asym_id_1 
_ndb_struct_na_base_pair_step.j_auth_seq_id_1 
_ndb_struct_na_base_pair_step.j_PDB_ins_code_1 
_ndb_struct_na_base_pair_step.i_auth_asym_id_2 
_ndb_struct_na_base_pair_step.i_auth_seq_id_2 
_ndb_struct_na_base_pair_step.i_PDB_ins_code_2 
_ndb_struct_na_base_pair_step.j_auth_asym_id_2 
_ndb_struct_na_base_pair_step.j_auth_seq_id_2 
_ndb_struct_na_base_pair_step.j_PDB_ins_code_2 
1 A DC 1  1_555 B DG 12 1_555 A DG 2  1_555 B DC 11 1_555 -0.306 0.150  3.477 -0.375 7.134   34.949 -0.862 0.441  3.443 11.727  
0.617  35.649 1  AA_DC1DG2:DC23DG24_BB   A 1  ? B 24 ? A 2  ? B 23 ? 
1 A DG 2  1_555 B DC 11 1_555 A DC 3  1_555 B DG 10 1_555 0.601  0.627  3.313 0.524  -3.334  40.560 1.272  -0.806 3.261 -4.799  
-0.754 40.694 2  AA_DG2DC3:DG22DC23_BB   A 2  ? B 23 ? A 3  ? B 22 ? 
1 A DC 3  1_555 B DG 10 1_555 A DG 4  1_555 B DC 9  1_555 -0.321 0.855  3.231 2.417  6.778   27.048 0.135  1.247  3.303 14.176  
-5.054 27.972 3  AA_DC3DG4:DC21DG22_BB   A 3  ? B 22 ? A 4  ? B 21 ? 
1 A DG 4  1_555 B DC 9  1_555 A DA 5  1_555 B DT 8  1_555 0.233  -0.252 3.374 0.577  3.794   40.353 -0.799 -0.271 3.340 5.484   
-0.834 40.528 4  AA_DG4DA5:DT20DC21_BB   A 4  ? B 21 ? A 5  ? B 20 ? 
1 A DA 5  1_555 B DT 8  1_555 A DA 6  1_555 B DT 7  1_555 0.110  -0.683 3.208 -2.265 -0.619  34.177 -1.064 -0.537 3.206 -1.053  
3.848  34.255 5  AA_DA5DA6:DT19DT20_BB   A 5  ? B 20 ? A 6  ? B 19 ? 
1 A DA 6  1_555 B DT 7  1_555 A DT 7  1_555 B DA 6  1_555 -0.054 -1.044 3.307 0.618  -5.748  30.418 -0.800 0.226  3.440 -10.832 
-1.165 30.950 6  AA_DA6DT7:DA18DT19_BB   A 6  ? B 19 ? A 7  ? B 18 ? 
1 A DT 7  1_555 B DA 6  1_555 A DT 8  1_555 B DA 5  1_555 0.067  -0.625 3.094 3.328  -1.491  33.412 -0.849 0.402  3.110 -2.583  
-5.767 33.605 7  AA_DT7DT8:DA17DA18_BB   A 7  ? B 18 ? A 8  ? B 17 ? 
1 A DT 8  1_555 B DA 5  1_555 A DC 9  1_555 B DG 4  1_555 -0.243 -0.216 3.575 -0.337 -3.219  42.543 0.057  0.297  3.583 -4.428  
0.463  42.660 8  AA_DT8DC9:DG16DA17_BB   A 8  ? B 17 ? A 9  ? B 16 ? 
1 A DC 9  1_555 B DG 4  1_555 A DG 10 1_555 B DC 3  1_555 0.533  0.803  3.030 -1.533 5.802   26.542 0.326  -1.499 3.097 12.437  
3.285  27.200 9  AA_DC9DG10:DC15DG16_BB  A 9  ? B 16 ? A 10 ? B 15 ? 
1 A DG 10 1_555 B DC 3  1_555 A DC 11 1_555 B DG 2  1_555 -1.161 0.699  3.311 -3.880 -10.955 42.556 1.968  1.182  3.136 -14.766 
5.230  44.044 10 AA_DG10DC11:DG14DC15_BB A 10 ? B 15 ? A 11 ? B 14 ? 
1 A DC 11 1_555 B DG 2  1_555 A DG 12 1_555 B DC 1  1_555 1.044  0.660  3.195 0.771  -4.021  34.818 1.681  -1.621 3.123 -6.692  
-1.284 35.051 11 AA_DC11DG12:DC13DG14_BB A 11 ? B 14 ? A 12 ? B 13 ? 
# 
_pdbx_initial_refinement_model.accession_code   ? 
_pdbx_initial_refinement_model.id               1 
_pdbx_initial_refinement_model.entity_id_list   ? 
_pdbx_initial_refinement_model.type             'in silico model' 
_pdbx_initial_refinement_model.source_name      Other 
_pdbx_initial_refinement_model.details          'IDEAL B-DNA' 
# 
_atom_sites.entry_id                    455D 
_atom_sites.fract_transf_matrix[1][1]   0.01381276 
_atom_sites.fract_transf_matrix[1][2]   0.02825416 
_atom_sites.fract_transf_matrix[1][3]   0.02590178 
_atom_sites.fract_transf_matrix[2][1]   -0.02222035 
_atom_sites.fract_transf_matrix[2][2]   -0.00048991 
_atom_sites.fract_transf_matrix[2][3]   0.01238395 
_atom_sites.fract_transf_matrix[3][1]   0.00522322 
_atom_sites.fract_transf_matrix[3][2]   -0.01075513 
_atom_sites.fract_transf_matrix[3][3]   0.00894649 
_atom_sites.fract_transf_vector[1]      0.611573 
_atom_sites.fract_transf_vector[2]      0.524438 
_atom_sites.fract_transf_vector[3]      0.140937 
# 
loop_
_atom_type.symbol 
C  
MG 
N  
O  
P  
S  
# 
loop_
_atom_site.group_PDB 
_atom_site.id 
_atom_site.type_symbol 
_atom_site.label_atom_id 
_atom_site.label_alt_id 
_atom_site.label_comp_id 
_atom_site.label_asym_id 
_atom_site.label_entity_id 
_atom_site.label_seq_id 
_atom_site.pdbx_PDB_ins_code 
_atom_site.Cartn_x 
_atom_site.Cartn_y 
_atom_site.Cartn_z 
_atom_site.occupancy 
_atom_site.B_iso_or_equiv 
_atom_site.pdbx_formal_charge 
_atom_site.auth_seq_id 
_atom_site.auth_comp_id 
_atom_site.auth_asym_id 
_atom_site.auth_atom_id 
_atom_site.pdbx_PDB_model_num 
ATOM   1   O  "O5'" . DC  A 1 1  ? -5.121  -8.015  18.148  1.00 17.96 ? 1   DC  A "O5'" 1 
ATOM   2   C  "C5'" . DC  A 1 1  ? -4.228  -8.766  17.329  1.00 16.32 ? 1   DC  A "C5'" 1 
ATOM   3   C  "C4'" . DC  A 1 1  ? -2.814  -8.235  17.415  1.00 15.45 ? 1   DC  A "C4'" 1 
ATOM   4   O  "O4'" . DC  A 1 1  ? -1.925  -9.170  16.775  1.00 14.84 ? 1   DC  A "O4'" 1 
ATOM   5   C  "C3'" . DC  A 1 1  ? -2.555  -6.889  16.740  1.00 15.10 ? 1   DC  A "C3'" 1 
ATOM   6   O  "O3'" . DC  A 1 1  ? -1.562  -6.217  17.516  1.00 15.15 ? 1   DC  A "O3'" 1 
ATOM   7   C  "C2'" . DC  A 1 1  ? -2.037  -7.285  15.363  1.00 14.68 ? 1   DC  A "C2'" 1 
ATOM   8   C  "C1'" . DC  A 1 1  ? -1.246  -8.543  15.685  1.00 13.62 ? 1   DC  A "C1'" 1 
ATOM   9   N  N1    . DC  A 1 1  ? -1.119  -9.550  14.612  1.00 12.75 ? 1   DC  A N1    1 
ATOM   10  C  C2    . DC  A 1 1  ? 0.139   -10.163 14.423  1.00 10.95 ? 1   DC  A C2    1 
ATOM   11  O  O2    . DC  A 1 1  ? 1.068   -9.824  15.146  1.00 12.70 ? 1   DC  A O2    1 
ATOM   12  N  N3    . DC  A 1 1  ? 0.285   -11.091 13.468  1.00 10.24 ? 1   DC  A N3    1 
ATOM   13  C  C4    . DC  A 1 1  ? -0.753  -11.436 12.702  1.00 10.21 ? 1   DC  A C4    1 
ATOM   14  N  N4    . DC  A 1 1  ? -0.559  -12.361 11.750  1.00 9.79  ? 1   DC  A N4    1 
ATOM   15  C  C5    . DC  A 1 1  ? -2.046  -10.840 12.871  1.00 10.18 ? 1   DC  A C5    1 
ATOM   16  C  C6    . DC  A 1 1  ? -2.181  -9.906  13.827  1.00 11.69 ? 1   DC  A C6    1 
ATOM   17  P  P     . DG  A 1 2  ? -1.144  -4.709  17.172  1.00 16.97 ? 2   DG  A P     1 
ATOM   18  O  OP1   . DG  A 1 2  ? -0.761  -4.032  18.432  1.00 16.90 ? 2   DG  A OP1   1 
ATOM   19  O  OP2   . DG  A 1 2  ? -2.106  -4.063  16.248  1.00 14.29 ? 2   DG  A OP2   1 
ATOM   20  O  "O5'" . DG  A 1 2  ? 0.175   -4.912  16.311  1.00 16.67 ? 2   DG  A "O5'" 1 
ATOM   21  C  "C5'" . DG  A 1 2  ? 1.397   -5.260  16.930  1.00 16.74 ? 2   DG  A "C5'" 1 
ATOM   22  C  "C4'" . DG  A 1 2  ? 2.547   -4.846  16.044  1.00 15.29 ? 2   DG  A "C4'" 1 
ATOM   23  O  "O4'" . DG  A 1 2  ? 2.743   -5.824  15.006  1.00 14.25 ? 2   DG  A "O4'" 1 
ATOM   24  C  "C3'" . DG  A 1 2  ? 2.384   -3.502  15.335  1.00 14.93 ? 2   DG  A "C3'" 1 
ATOM   25  O  "O3'" . DG  A 1 2  ? 3.661   -2.886  15.286  1.00 17.05 ? 2   DG  A "O3'" 1 
ATOM   26  C  "C2'" . DG  A 1 2  ? 1.922   -3.884  13.940  1.00 13.30 ? 2   DG  A "C2'" 1 
ATOM   27  C  "C1'" . DG  A 1 2  ? 2.593   -5.234  13.725  1.00 11.07 ? 2   DG  A "C1'" 1 
ATOM   28  N  N9    . DG  A 1 2  ? 1.841   -6.189  12.921  1.00 9.10  ? 2   DG  A N9    1 
ATOM   29  C  C8    . DG  A 1 2  ? 0.472   -6.261  12.740  1.00 7.21  ? 2   DG  A C8    1 
ATOM   30  N  N7    . DG  A 1 2  ? 0.109   -7.259  11.979  1.00 8.02  ? 2   DG  A N7    1 
ATOM   31  C  C5    . DG  A 1 2  ? 1.314   -7.886  11.639  1.00 7.99  ? 2   DG  A C5    1 
ATOM   32  C  C6    . DG  A 1 2  ? 1.568   -9.019  10.833  1.00 7.06  ? 2   DG  A C6    1 
ATOM   33  O  O6    . DG  A 1 2  ? 0.768   -9.729  10.243  1.00 7.80  ? 2   DG  A O6    1 
ATOM   34  N  N1    . DG  A 1 2  ? 2.936   -9.296  10.744  1.00 7.78  ? 2   DG  A N1    1 
ATOM   35  C  C2    . DG  A 1 2  ? 3.926   -8.572  11.360  1.00 8.00  ? 2   DG  A C2    1 
ATOM   36  N  N2    . DG  A 1 2  ? 5.200   -8.997  11.169  1.00 7.70  ? 2   DG  A N2    1 
ATOM   37  N  N3    . DG  A 1 2  ? 3.702   -7.514  12.118  1.00 8.74  ? 2   DG  A N3    1 
ATOM   38  C  C4    . DG  A 1 2  ? 2.382   -7.229  12.212  1.00 9.35  ? 2   DG  A C4    1 
ATOM   39  P  P     . DC  A 1 3  ? 3.823   -1.372  14.760  1.00 19.38 ? 3   DC  A P     1 
ATOM   40  O  OP1   . DC  A 1 3  ? 4.492   -0.649  15.864  1.00 18.64 ? 3   DC  A OP1   1 
ATOM   41  O  OP2   . DC  A 1 3  ? 2.633   -0.797  14.109  1.00 18.34 ? 3   DC  A OP2   1 
ATOM   42  O  "O5'" . DC  A 1 3  ? 4.878   -1.555  13.585  1.00 16.40 ? 3   DC  A "O5'" 1 
ATOM   43  C  "C5'" . DC  A 1 3  ? 6.035   -2.342  13.815  1.00 14.71 ? 3   DC  A "C5'" 1 
ATOM   44  C  "C4'" . DC  A 1 3  ? 6.551   -2.913  12.521  1.00 10.13 ? 3   DC  A "C4'" 1 
ATOM   45  O  "O4'" . DC  A 1 3  ? 5.690   -3.989  12.118  1.00 10.75 ? 3   DC  A "O4'" 1 
ATOM   46  C  "C3'" . DC  A 1 3  ? 6.591   -1.951  11.342  1.00 10.75 ? 3   DC  A "C3'" 1 
ATOM   47  O  "O3'" . DC  A 1 3  ? 7.910   -1.506  11.172  1.00 12.24 ? 3   DC  A "O3'" 1 
ATOM   48  C  "C2'" . DC  A 1 3  ? 6.141   -2.782  10.149  1.00 10.01 ? 3   DC  A "C2'" 1 
ATOM   49  C  "C1'" . DC  A 1 3  ? 5.740   -4.143  10.708  1.00 10.69 ? 3   DC  A "C1'" 1 
ATOM   50  N  N1    . DC  A 1 3  ? 4.381   -4.484  10.269  1.00 8.47  ? 3   DC  A N1    1 
ATOM   51  C  C2    . DC  A 1 3  ? 4.172   -5.610  9.490   1.00 9.13  ? 3   DC  A C2    1 
ATOM   52  O  O2    . DC  A 1 3  ? 5.150   -6.324  9.179   1.00 8.72  ? 3   DC  A O2    1 
ATOM   53  N  N3    . DC  A 1 3  ? 2.907   -5.911  9.080   1.00 8.93  ? 3   DC  A N3    1 
ATOM   54  C  C4    . DC  A 1 3  ? 1.882   -5.126  9.438   1.00 9.04  ? 3   DC  A C4    1 
ATOM   55  N  N4    . DC  A 1 3  ? 0.654   -5.465  9.029   1.00 7.85  ? 3   DC  A N4    1 
ATOM   56  C  C5    . DC  A 1 3  ? 2.076   -3.966  10.234  1.00 8.63  ? 3   DC  A C5    1 
ATOM   57  C  C6    . DC  A 1 3  ? 3.330   -3.682  10.624  1.00 9.17  ? 3   DC  A C6    1 
ATOM   58  P  P     . DG  A 1 4  ? 8.251   -0.402  10.059  1.00 12.73 ? 4   DG  A P     1 
ATOM   59  O  OP1   . DG  A 1 4  ? 9.264   0.440   10.723  1.00 12.97 ? 4   DG  A OP1   1 
ATOM   60  O  OP2   . DG  A 1 4  ? 7.042   0.241   9.476   1.00 13.60 ? 4   DG  A OP2   1 
ATOM   61  O  "O5'" . DG  A 1 4  ? 8.847   -1.285  8.877   1.00 12.80 ? 4   DG  A "O5'" 1 
ATOM   62  C  "C5'" . DG  A 1 4  ? 9.885   -2.249  9.121   1.00 11.44 ? 4   DG  A "C5'" 1 
ATOM   63  C  "C4'" . DG  A 1 4  ? 10.064  -3.133  7.913   1.00 10.61 ? 4   DG  A "C4'" 1 
ATOM   64  O  "O4'" . DG  A 1 4  ? 8.819   -3.821  7.641   1.00 10.84 ? 4   DG  A "O4'" 1 
ATOM   65  C  "C3'" . DG  A 1 4  ? 10.419  -2.406  6.620   1.00 11.58 ? 4   DG  A "C3'" 1 
ATOM   66  O  "O3'" . DG  A 1 4  ? 11.182  -3.343  5.850   1.00 13.95 ? 4   DG  A "O3'" 1 
ATOM   67  C  "C2'" . DG  A 1 4  ? 9.058   -2.145  6.000   1.00 11.64 ? 4   DG  A "C2'" 1 
ATOM   68  C  "C1'" . DG  A 1 4  ? 8.300   -3.418  6.367   1.00 11.85 ? 4   DG  A "C1'" 1 
ATOM   69  N  N9    . DG  A 1 4  ? 6.849   -3.244  6.491   1.00 10.43 ? 4   DG  A N9    1 
ATOM   70  C  C8    . DG  A 1 4  ? 6.192   -2.169  7.047   1.00 11.49 ? 4   DG  A C8    1 
ATOM   71  N  N7    . DG  A 1 4  ? 4.890   -2.284  7.003   1.00 10.25 ? 4   DG  A N7    1 
ATOM   72  C  C5    . DG  A 1 4  ? 4.671   -3.510  6.383   1.00 9.39  ? 4   DG  A C5    1 
ATOM   73  C  C6    . DG  A 1 4  ? 3.444   -4.189  6.063   1.00 9.62  ? 4   DG  A C6    1 
ATOM   74  O  O6    . DG  A 1 4  ? 2.272   -3.828  6.281   1.00 8.80  ? 4   DG  A O6    1 
ATOM   75  N  N1    . DG  A 1 4  ? 3.686   -5.408  5.434   1.00 10.36 ? 4   DG  A N1    1 
ATOM   76  C  C2    . DG  A 1 4  ? 4.946   -5.921  5.154   1.00 9.11  ? 4   DG  A C2    1 
ATOM   77  N  N2    . DG  A 1 4  ? 4.983   -7.110  4.532   1.00 7.25  ? 4   DG  A N2    1 
ATOM   78  N  N3    . DG  A 1 4  ? 6.077   -5.304  5.461   1.00 8.69  ? 4   DG  A N3    1 
ATOM   79  C  C4    . DG  A 1 4  ? 5.872   -4.117  6.062   1.00 9.35  ? 4   DG  A C4    1 
ATOM   80  P  P     . DA  A 1 5  ? 11.828  -2.921  4.417   1.00 16.21 ? 5   DA  A P     1 
ATOM   81  O  OP1   . DA  A 1 5  ? 13.172  -3.608  4.455   1.00 17.67 ? 5   DA  A OP1   1 
ATOM   82  O  OP2   . DA  A 1 5  ? 11.735  -1.448  4.204   1.00 14.11 ? 5   DA  A OP2   1 
ATOM   83  O  "O5'" . DA  A 1 5  ? 10.873  -3.633  3.350   1.00 12.80 ? 5   DA  A "O5'" 1 
ATOM   84  C  "C5'" . DA  A 1 5  ? 10.782  -5.044  3.306   1.00 10.64 ? 5   DA  A "C5'" 1 
ATOM   85  C  "C4'" . DA  A 1 5  ? 9.750   -5.461  2.289   1.00 10.08 ? 5   DA  A "C4'" 1 
ATOM   86  O  "O4'" . DA  A 1 5  ? 8.408   -5.150  2.777   1.00 8.76  ? 5   DA  A "O4'" 1 
ATOM   87  C  "C3'" . DA  A 1 5  ? 9.875   -4.826  0.898   1.00 8.58  ? 5   DA  A "C3'" 1 
ATOM   88  O  "O3'" . DA  A 1 5  ? 9.808   -5.912  -0.018  1.00 9.03  ? 5   DA  A "O3'" 1 
ATOM   89  C  "C2'" . DA  A 1 5  ? 8.681   -3.876  0.819   1.00 7.66  ? 5   DA  A "C2'" 1 
ATOM   90  C  "C1'" . DA  A 1 5  ? 7.651   -4.552  1.732   1.00 8.86  ? 5   DA  A "C1'" 1 
ATOM   91  N  N9    . DA  A 1 5  ? 6.663   -3.669  2.361   1.00 8.02  ? 5   DA  A N9    1 
ATOM   92  C  C8    . DA  A 1 5  ? 6.914   -2.521  3.062   1.00 7.70  ? 5   DA  A C8    1 
ATOM   93  N  N7    . DA  A 1 5  ? 5.837   -1.938  3.532   1.00 7.55  ? 5   DA  A N7    1 
ATOM   94  C  C5    . DA  A 1 5  ? 4.803   -2.755  3.096   1.00 8.24  ? 5   DA  A C5    1 
ATOM   95  C  C6    . DA  A 1 5  ? 3.396   -2.680  3.267   1.00 7.22  ? 5   DA  A C6    1 
ATOM   96  N  N6    . DA  A 1 5  ? 2.793   -1.698  3.939   1.00 8.59  ? 5   DA  A N6    1 
ATOM   97  N  N1    . DA  A 1 5  ? 2.646   -3.657  2.711   1.00 6.49  ? 5   DA  A N1    1 
ATOM   98  C  C2    . DA  A 1 5  ? 3.259   -4.641  2.044   1.00 7.06  ? 5   DA  A C2    1 
ATOM   99  N  N3    . DA  A 1 5  ? 4.565   -4.822  1.822   1.00 7.11  ? 5   DA  A N3    1 
ATOM   100 C  C4    . DA  A 1 5  ? 5.291   -3.830  2.379   1.00 7.69  ? 5   DA  A C4    1 
ATOM   101 P  P     . DA  A 1 6  ? 9.703   -5.658  -1.601  1.00 9.96  ? 6   DA  A P     1 
ATOM   102 O  OP1   . DA  A 1 6  ? 10.196  -6.882  -2.243  1.00 10.42 ? 6   DA  A OP1   1 
ATOM   103 O  OP2   . DA  A 1 6  ? 10.218  -4.330  -2.004  1.00 10.03 ? 6   DA  A OP2   1 
ATOM   104 O  "O5'" . DA  A 1 6  ? 8.138   -5.694  -1.875  1.00 9.20  ? 6   DA  A "O5'" 1 
ATOM   105 C  "C5'" . DA  A 1 6  ? 7.431   -6.900  -1.762  1.00 8.16  ? 6   DA  A "C5'" 1 
ATOM   106 C  "C4'" . DA  A 1 6  ? 6.054   -6.717  -2.332  1.00 8.82  ? 6   DA  A "C4'" 1 
ATOM   107 O  "O4'" . DA  A 1 6  ? 5.326   -5.800  -1.479  1.00 8.38  ? 6   DA  A "O4'" 1 
ATOM   108 C  "C3'" . DA  A 1 6  ? 6.048   -6.109  -3.736  1.00 7.81  ? 6   DA  A "C3'" 1 
ATOM   109 O  "O3'" . DA  A 1 6  ? 5.268   -6.981  -4.540  1.00 9.13  ? 6   DA  A "O3'" 1 
ATOM   110 C  "C2'" . DA  A 1 6  ? 5.450   -4.716  -3.534  1.00 7.62  ? 6   DA  A "C2'" 1 
ATOM   111 C  "C1'" . DA  A 1 6  ? 4.602   -4.870  -2.265  1.00 7.98  ? 6   DA  A "C1'" 1 
ATOM   112 N  N9    . DA  A 1 6  ? 4.443   -3.653  -1.457  1.00 7.40  ? 6   DA  A N9    1 
ATOM   113 C  C8    . DA  A 1 6  ? 5.445   -2.826  -1.019  1.00 6.54  ? 6   DA  A C8    1 
ATOM   114 N  N7    . DA  A 1 6  ? 5.034   -1.812  -0.303  1.00 7.51  ? 6   DA  A N7    1 
ATOM   115 C  C5    . DA  A 1 6  ? 3.649   -1.977  -0.267  1.00 7.30  ? 6   DA  A C5    1 
ATOM   116 C  C6    . DA  A 1 6  ? 2.618   -1.223  0.336   1.00 7.39  ? 6   DA  A C6    1 
ATOM   117 N  N6    . DA  A 1 6  ? 2.820   -0.127  1.062   1.00 6.96  ? 6   DA  A N6    1 
ATOM   118 N  N1    . DA  A 1 6  ? 1.354   -1.662  0.172   1.00 6.26  ? 6   DA  A N1    1 
ATOM   119 C  C2    . DA  A 1 6  ? 1.146   -2.768  -0.542  1.00 8.33  ? 6   DA  A C2    1 
ATOM   120 N  N3    . DA  A 1 6  ? 2.026   -3.563  -1.156  1.00 6.76  ? 6   DA  A N3    1 
ATOM   121 C  C4    . DA  A 1 6  ? 3.271   -3.104  -0.975  1.00 7.39  ? 6   DA  A C4    1 
ATOM   122 P  P     . DT  A 1 7  ? 4.922   -6.620  -6.060  1.00 10.19 ? 7   DT  A P     1 
ATOM   123 O  OP1   . DT  A 1 7  ? 4.749   -7.898  -6.733  1.00 9.48  ? 7   DT  A OP1   1 
ATOM   124 O  OP2   . DT  A 1 7  ? 5.796   -5.570  -6.644  1.00 11.12 ? 7   DT  A OP2   1 
ATOM   125 O  "O5'" . DT  A 1 7  ? 3.493   -5.949  -5.946  1.00 9.64  ? 7   DT  A "O5'" 1 
ATOM   126 C  "C5'" . DT  A 1 7  ? 2.486   -6.572  -5.176  1.00 9.31  ? 7   DT  A "C5'" 1 
ATOM   127 C  "C4'" . DT  A 1 7  ? 1.261   -5.698  -5.151  1.00 7.14  ? 7   DT  A "C4'" 1 
ATOM   128 O  "O4'" . DT  A 1 7  ? 1.480   -4.579  -4.282  1.00 7.92  ? 7   DT  A "O4'" 1 
ATOM   129 C  "C3'" . DT  A 1 7  ? 0.824   -5.117  -6.495  1.00 8.36  ? 7   DT  A "C3'" 1 
ATOM   130 O  "O3'" . DT  A 1 7  ? -0.427  -5.713  -6.824  1.00 9.14  ? 7   DT  A "O3'" 1 
ATOM   131 C  "C2'" . DT  A 1 7  ? 0.731   -3.612  -6.249  1.00 7.90  ? 7   DT  A "C2'" 1 
ATOM   132 C  "C1'" . DT  A 1 7  ? 0.690   -3.498  -4.734  1.00 7.77  ? 7   DT  A "C1'" 1 
ATOM   133 N  N1    . DT  A 1 7  ? 1.255   -2.268  -4.133  1.00 8.26  ? 7   DT  A N1    1 
ATOM   134 C  C2    . DT  A 1 7  ? 0.422   -1.417  -3.417  1.00 8.13  ? 7   DT  A C2    1 
ATOM   135 O  O2    . DT  A 1 7  ? -0.779  -1.619  -3.269  1.00 9.60  ? 7   DT  A O2    1 
ATOM   136 N  N3    . DT  A 1 7  ? 1.043   -0.319  -2.887  1.00 7.57  ? 7   DT  A N3    1 
ATOM   137 C  C4    . DT  A 1 7  ? 2.384   0.027   -2.991  1.00 6.91  ? 7   DT  A C4    1 
ATOM   138 O  O4    . DT  A 1 7  ? 2.801   1.040   -2.451  1.00 7.57  ? 7   DT  A O4    1 
ATOM   139 C  C5    . DT  A 1 7  ? 3.199   -0.892  -3.753  1.00 7.40  ? 7   DT  A C5    1 
ATOM   140 C  C7    . DT  A 1 7  ? 4.658   -0.586  -3.916  1.00 8.34  ? 7   DT  A C7    1 
ATOM   141 C  C6    . DT  A 1 7  ? 2.610   -1.977  -4.278  1.00 7.35  ? 7   DT  A C6    1 
ATOM   142 P  P     . DT  A 1 8  ? -1.165  -5.363  -8.194  1.00 11.48 ? 8   DT  A P     1 
ATOM   143 O  OP1   . DT  A 1 8  ? -1.961  -6.553  -8.524  1.00 11.18 ? 8   DT  A OP1   1 
ATOM   144 O  OP2   . DT  A 1 8  ? -0.224  -4.786  -9.213  1.00 13.17 ? 8   DT  A OP2   1 
ATOM   145 O  "O5'" . DT  A 1 8  ? -2.165  -4.199  -7.766  1.00 12.38 ? 8   DT  A "O5'" 1 
ATOM   146 C  "C5'" . DT  A 1 8  ? -2.968  -4.361  -6.608  1.00 11.16 ? 8   DT  A "C5'" 1 
ATOM   147 C  "C4'" . DT  A 1 8  ? -3.701  -3.084  -6.303  1.00 11.64 ? 8   DT  A "C4'" 1 
ATOM   148 O  "O4'" . DT  A 1 8  ? -2.809  -2.125  -5.711  1.00 11.95 ? 8   DT  A "O4'" 1 
ATOM   149 C  "C3'" . DT  A 1 8  ? -4.382  -2.393  -7.486  1.00 12.24 ? 8   DT  A "C3'" 1 
ATOM   150 O  "O3'" . DT  A 1 8  ? -5.785  -2.354  -7.190  1.00 12.84 ? 8   DT  A "O3'" 1 
ATOM   151 C  "C2'" . DT  A 1 8  ? -3.717  -1.018  -7.559  1.00 11.81 ? 8   DT  A "C2'" 1 
ATOM   152 C  "C1'" . DT  A 1 8  ? -3.160  -0.826  -6.150  1.00 11.39 ? 8   DT  A "C1'" 1 
ATOM   153 N  N1    . DT  A 1 8  ? -1.961  0.008   -5.957  1.00 10.14 ? 8   DT  A N1    1 
ATOM   154 C  C2    . DT  A 1 8  ? -2.035  1.078   -5.087  1.00 11.64 ? 8   DT  A C2    1 
ATOM   155 O  O2    . DT  A 1 8  ? -3.068  1.401   -4.493  1.00 11.55 ? 8   DT  A O2    1 
ATOM   156 N  N3    . DT  A 1 8  ? -0.860  1.772   -4.923  1.00 10.48 ? 8   DT  A N3    1 
ATOM   157 C  C4    . DT  A 1 8  ? 0.362   1.514   -5.533  1.00 8.70  ? 8   DT  A C4    1 
ATOM   158 O  O4    . DT  A 1 8  ? 1.329   2.231   -5.265  1.00 10.43 ? 8   DT  A O4    1 
ATOM   159 C  C5    . DT  A 1 8  ? 0.359   0.384   -6.452  1.00 9.32  ? 8   DT  A C5    1 
ATOM   160 C  C7    . DT  A 1 8  ? 1.618   0.021   -7.177  1.00 8.17  ? 8   DT  A C7    1 
ATOM   161 C  C6    . DT  A 1 8  ? -0.784  -0.300  -6.615  1.00 9.59  ? 8   DT  A C6    1 
ATOM   162 P  P     . DC  A 1 9  ? -6.801  -1.570  -8.147  1.00 12.95 ? 9   DC  A P     1 
ATOM   163 O  OP1   . DC  A 1 9  ? -8.043  -2.370  -8.046  1.00 14.51 ? 9   DC  A OP1   1 
ATOM   164 O  OP2   . DC  A 1 9  ? -6.249  -1.253  -9.492  1.00 13.21 ? 9   DC  A OP2   1 
ATOM   165 O  "O5'" . DC  A 1 9  ? -7.014  -0.209  -7.365  1.00 12.59 ? 9   DC  A "O5'" 1 
ATOM   166 C  "C5'" . DC  A 1 9  ? -7.221  -0.234  -5.965  1.00 11.42 ? 9   DC  A "C5'" 1 
ATOM   167 C  "C4'" . DC  A 1 9  ? -7.404  1.166   -5.445  1.00 11.82 ? 9   DC  A "C4'" 1 
ATOM   168 O  "O4'" . DC  A 1 9  ? -6.163  1.889   -5.399  1.00 9.98  ? 9   DC  A "O4'" 1 
ATOM   169 C  "C3'" . DC  A 1 9  ? -8.375  2.026   -6.242  1.00 11.53 ? 9   DC  A "C3'" 1 
ATOM   170 O  "O3'" . DC  A 1 9  ? -9.161  2.678   -5.254  1.00 12.98 ? 9   DC  A "O3'" 1 
ATOM   171 C  "C2'" . DC  A 1 9  ? -7.463  2.966   -7.023  1.00 10.24 ? 9   DC  A "C2'" 1 
ATOM   172 C  "C1'" . DC  A 1 9  ? -6.269  3.124   -6.087  1.00 10.18 ? 9   DC  A "C1'" 1 
ATOM   173 N  N1    . DC  A 1 9  ? -4.932  3.342   -6.667  1.00 9.10  ? 9   DC  A N1    1 
ATOM   174 C  C2    . DC  A 1 9  ? -4.147  4.413   -6.205  1.00 9.41  ? 9   DC  A C2    1 
ATOM   175 O  O2    . DC  A 1 9  ? -4.617  5.222   -5.381  1.00 9.05  ? 9   DC  A O2    1 
ATOM   176 N  N3    . DC  A 1 9  ? -2.880  4.550   -6.678  1.00 9.45  ? 9   DC  A N3    1 
ATOM   177 C  C4    . DC  A 1 9  ? -2.410  3.688   -7.586  1.00 9.20  ? 9   DC  A C4    1 
ATOM   178 N  N4    . DC  A 1 9  ? -1.155  3.874   -8.018  1.00 10.28 ? 9   DC  A N4    1 
ATOM   179 C  C5    . DC  A 1 9  ? -3.200  2.609   -8.093  1.00 8.34  ? 9   DC  A C5    1 
ATOM   180 C  C6    . DC  A 1 9  ? -4.442  2.477   -7.610  1.00 8.15  ? 9   DC  A C6    1 
ATOM   181 P  P     . DG  A 1 10 ? -10.605 3.265   -5.619  1.00 13.50 ? 10  DG  A P     1 
ATOM   182 O  OP1   . DG  A 1 10 ? -11.299 3.383   -4.305  1.00 13.93 ? 10  DG  A OP1   1 
ATOM   183 O  OP2   . DG  A 1 10 ? -11.231 2.526   -6.733  1.00 13.83 ? 10  DG  A OP2   1 
ATOM   184 O  "O5'" . DG  A 1 10 ? -10.215 4.721   -6.140  1.00 13.19 ? 10  DG  A "O5'" 1 
ATOM   185 C  "C5'" . DG  A 1 10 ? -9.716  5.696   -5.246  1.00 11.72 ? 10  DG  A "C5'" 1 
ATOM   186 C  "C4'" . DG  A 1 10 ? -9.188  6.872   -6.024  1.00 13.89 ? 10  DG  A "C4'" 1 
ATOM   187 O  "O4'" . DG  A 1 10 ? -7.912  6.527   -6.596  1.00 11.79 ? 10  DG  A "O4'" 1 
ATOM   188 C  "C3'" . DG  A 1 10 ? -10.069 7.315   -7.203  1.00 14.15 ? 10  DG  A "C3'" 1 
ATOM   189 O  "O3'" . DG  A 1 10 ? -10.001 8.739   -7.292  1.00 17.65 ? 10  DG  A "O3'" 1 
ATOM   190 C  "C2'" . DG  A 1 10 ? -9.332  6.753   -8.407  1.00 13.32 ? 10  DG  A "C2'" 1 
ATOM   191 C  "C1'" . DG  A 1 10 ? -7.927  7.014   -7.929  1.00 12.67 ? 10  DG  A "C1'" 1 
ATOM   192 N  N9    . DG  A 1 10 ? -6.801  6.426   -8.646  1.00 11.70 ? 10  DG  A N9    1 
ATOM   193 C  C8    . DG  A 1 10 ? -6.780  5.335   -9.481  1.00 11.21 ? 10  DG  A C8    1 
ATOM   194 N  N7    . DG  A 1 10 ? -5.581  5.079   -9.943  1.00 10.09 ? 10  DG  A N7    1 
ATOM   195 C  C5    . DG  A 1 10 ? -4.777  6.058   -9.377  1.00 9.49  ? 10  DG  A C5    1 
ATOM   196 C  C6    . DG  A 1 10 ? -3.389  6.291   -9.500  1.00 10.08 ? 10  DG  A C6    1 
ATOM   197 O  O6    . DG  A 1 10 ? -2.573  5.650   -10.156 1.00 11.54 ? 10  DG  A O6    1 
ATOM   198 N  N1    . DG  A 1 10 ? -2.981  7.395   -8.763  1.00 8.09  ? 10  DG  A N1    1 
ATOM   199 C  C2    . DG  A 1 10 ? -3.808  8.185   -8.009  1.00 8.23  ? 10  DG  A C2    1 
ATOM   200 N  N2    . DG  A 1 10 ? -3.261  9.207   -7.373  1.00 7.71  ? 10  DG  A N2    1 
ATOM   201 N  N3    . DG  A 1 10 ? -5.100  7.974   -7.885  1.00 9.15  ? 10  DG  A N3    1 
ATOM   202 C  C4    . DG  A 1 10 ? -5.510  6.900   -8.588  1.00 10.42 ? 10  DG  A C4    1 
ATOM   203 P  P     . DC  A 1 11 ? -11.230 9.649   -6.787  1.00 19.64 ? 11  DC  A P     1 
ATOM   204 O  OP1   . DC  A 1 11 ? -12.006 8.970   -5.699  1.00 20.50 ? 11  DC  A OP1   1 
ATOM   205 O  OP2   . DC  A 1 11 ? -11.904 10.056  -8.046  1.00 20.02 ? 11  DC  A OP2   1 
ATOM   206 O  "O5'" . DC  A 1 11 ? -10.496 10.913  -6.181  1.00 17.07 ? 11  DC  A "O5'" 1 
ATOM   207 C  "C5'" . DC  A 1 11 ? -9.743  10.800  -5.002  1.00 14.96 ? 11  DC  A "C5'" 1 
ATOM   208 C  "C4'" . DC  A 1 11 ? -8.559  11.727  -5.068  1.00 14.41 ? 11  DC  A "C4'" 1 
ATOM   209 O  "O4'" . DC  A 1 11 ? -7.569  11.218  -5.990  1.00 13.53 ? 11  DC  A "O4'" 1 
ATOM   210 C  "C3'" . DC  A 1 11 ? -8.824  13.165  -5.495  1.00 12.12 ? 11  DC  A "C3'" 1 
ATOM   211 O  "O3'" . DC  A 1 11 ? -7.915  13.915  -4.689  1.00 13.00 ? 11  DC  A "O3'" 1 
ATOM   212 C  "C2'" . DC  A 1 11 ? -8.422  13.164  -6.967  1.00 11.73 ? 11  DC  A "C2'" 1 
ATOM   213 C  "C1'" . DC  A 1 11 ? -7.242  12.190  -6.978  1.00 11.30 ? 11  DC  A "C1'" 1 
ATOM   214 N  N1    . DC  A 1 11 ? -6.988  11.415  -8.191  1.00 9.23  ? 11  DC  A N1    1 
ATOM   215 C  C2    . DC  A 1 11 ? -5.670  11.284  -8.656  1.00 8.60  ? 11  DC  A C2    1 
ATOM   216 O  O2    . DC  A 1 11 ? -4.767  11.871  -8.064  1.00 9.02  ? 11  DC  A O2    1 
ATOM   217 N  N3    . DC  A 1 11 ? -5.430  10.512  -9.725  1.00 9.03  ? 11  DC  A N3    1 
ATOM   218 C  C4    . DC  A 1 11 ? -6.432  9.879   -10.341 1.00 9.52  ? 11  DC  A C4    1 
ATOM   219 N  N4    . DC  A 1 11 ? -6.149  9.108   -11.406 1.00 9.25  ? 11  DC  A N4    1 
ATOM   220 C  C5    . DC  A 1 11 ? -7.782  10.005  -9.898  1.00 10.31 ? 11  DC  A C5    1 
ATOM   221 C  C6    . DC  A 1 11 ? -8.010  10.784  -8.834  1.00 9.72  ? 11  DC  A C6    1 
ATOM   222 P  P     . DG  A 1 12 ? -8.129  15.476  -4.425  1.00 13.30 ? 12  DG  A P     1 
ATOM   223 O  OP1   . DG  A 1 12 ? -7.219  15.818  -3.310  1.00 14.07 ? 12  DG  A OP1   1 
ATOM   224 O  OP2   . DG  A 1 12 ? -9.567  15.846  -4.350  1.00 13.64 ? 12  DG  A OP2   1 
ATOM   225 O  "O5'" . DG  A 1 12 ? -7.520  16.178  -5.710  1.00 11.48 ? 12  DG  A "O5'" 1 
ATOM   226 C  "C5'" . DG  A 1 12 ? -6.131  16.490  -5.759  1.00 10.97 ? 12  DG  A "C5'" 1 
ATOM   227 C  "C4'" . DG  A 1 12 ? -5.749  16.871  -7.165  1.00 8.20  ? 12  DG  A "C4'" 1 
ATOM   228 O  "O4'" . DG  A 1 12 ? -5.878  15.716  -7.999  1.00 7.57  ? 12  DG  A "O4'" 1 
ATOM   229 C  "C3'" . DG  A 1 12 ? -6.664  17.926  -7.799  1.00 9.28  ? 12  DG  A "C3'" 1 
ATOM   230 O  "O3'" . DG  A 1 12 ? -6.166  19.228  -7.609  1.00 10.50 ? 12  DG  A "O3'" 1 
ATOM   231 C  "C2'" . DG  A 1 12 ? -6.975  17.399  -9.194  1.00 9.59  ? 12  DG  A "C2'" 1 
ATOM   232 C  "C1'" . DG  A 1 12 ? -6.060  16.180  -9.321  1.00 8.86  ? 12  DG  A "C1'" 1 
ATOM   233 N  N9    . DG  A 1 12 ? -6.608  15.073  -10.082 1.00 9.17  ? 12  DG  A N9    1 
ATOM   234 C  C8    . DG  A 1 12 ? -7.910  14.612  -10.072 1.00 7.10  ? 12  DG  A C8    1 
ATOM   235 N  N7    . DG  A 1 12 ? -8.089  13.585  -10.846 1.00 8.53  ? 12  DG  A N7    1 
ATOM   236 C  C5    . DG  A 1 12 ? -6.839  13.350  -11.401 1.00 8.06  ? 12  DG  A C5    1 
ATOM   237 C  C6    . DG  A 1 12 ? -6.425  12.371  -12.336 1.00 8.68  ? 12  DG  A C6    1 
ATOM   238 O  O6    . DG  A 1 12 ? -7.107  11.492  -12.888 1.00 9.47  ? 12  DG  A O6    1 
ATOM   239 N  N1    . DG  A 1 12 ? -5.061  12.488  -12.633 1.00 8.77  ? 12  DG  A N1    1 
ATOM   240 C  C2    . DG  A 1 12 ? -4.217  13.442  -12.108 1.00 8.76  ? 12  DG  A C2    1 
ATOM   241 N  N2    . DG  A 1 12 ? -2.926  13.400  -12.536 1.00 8.02  ? 12  DG  A N2    1 
ATOM   242 N  N3    . DG  A 1 12 ? -4.598  14.368  -11.238 1.00 8.03  ? 12  DG  A N3    1 
ATOM   243 C  C4    . DG  A 1 12 ? -5.916  14.264  -10.936 1.00 8.77  ? 12  DG  A C4    1 
ATOM   244 O  "O5'" . DC  B 1 1  ? -0.852  8.951   -19.711 1.00 25.78 ? 13  DC  B "O5'" 1 
ATOM   245 C  "C5'" . DC  B 1 1  ? 0.213   9.896   -19.612 1.00 22.29 ? 13  DC  B "C5'" 1 
ATOM   246 C  "C4'" . DC  B 1 1  ? 0.507   10.145  -18.156 1.00 21.27 ? 13  DC  B "C4'" 1 
ATOM   247 O  "O4'" . DC  B 1 1  ? -0.696  10.616  -17.497 1.00 18.93 ? 13  DC  B "O4'" 1 
ATOM   248 C  "C3'" . DC  B 1 1  ? 0.946   8.908   -17.369 1.00 20.93 ? 13  DC  B "C3'" 1 
ATOM   249 O  "O3'" . DC  B 1 1  ? 1.807   9.360   -16.353 1.00 21.27 ? 13  DC  B "O3'" 1 
ATOM   250 C  "C2'" . DC  B 1 1  ? -0.324  8.478   -16.664 1.00 19.60 ? 13  DC  B "C2'" 1 
ATOM   251 C  "C1'" . DC  B 1 1  ? -0.899  9.843   -16.328 1.00 18.84 ? 13  DC  B "C1'" 1 
ATOM   252 N  N1    . DC  B 1 1  ? -2.336  9.839   -16.006 1.00 16.18 ? 13  DC  B N1    1 
ATOM   253 C  C2    . DC  B 1 1  ? -2.785  10.585  -14.904 1.00 15.34 ? 13  DC  B C2    1 
ATOM   254 O  O2    . DC  B 1 1  ? -1.963  11.241  -14.233 1.00 14.43 ? 13  DC  B O2    1 
ATOM   255 N  N3    . DC  B 1 1  ? -4.109  10.571  -14.592 1.00 14.92 ? 13  DC  B N3    1 
ATOM   256 C  C4    . DC  B 1 1  ? -4.963  9.849   -15.323 1.00 15.58 ? 13  DC  B C4    1 
ATOM   257 N  N4    . DC  B 1 1  ? -6.260  9.858   -14.966 1.00 15.36 ? 13  DC  B N4    1 
ATOM   258 C  C5    . DC  B 1 1  ? -4.531  9.083   -16.451 1.00 15.86 ? 13  DC  B C5    1 
ATOM   259 C  C6    . DC  B 1 1  ? -3.221  9.112   -16.756 1.00 15.96 ? 13  DC  B C6    1 
ATOM   260 P  P     . DG  B 1 2  ? 3.295   8.788   -16.247 1.00 23.43 ? 14  DG  B P     1 
ATOM   261 O  OP1   . DG  B 1 2  ? 3.935   8.991   -17.580 1.00 21.25 ? 14  DG  B OP1   1 
ATOM   262 O  OP2   . DG  B 1 2  ? 3.192   7.419   -15.667 1.00 24.97 ? 14  DG  B OP2   1 
ATOM   263 O  "O5'" . DG  B 1 2  ? 3.957   9.772   -15.188 1.00 20.75 ? 14  DG  B "O5'" 1 
ATOM   264 C  "C5'" . DG  B 1 2  ? 3.797   11.188  -15.323 1.00 18.05 ? 14  DG  B "C5'" 1 
ATOM   265 C  "C4'" . DG  B 1 2  ? 3.585   11.793  -13.960 1.00 16.27 ? 14  DG  B "C4'" 1 
ATOM   266 O  "O4'" . DG  B 1 2  ? 2.186   11.706  -13.593 1.00 15.07 ? 14  DG  B "O4'" 1 
ATOM   267 C  "C3'" . DG  B 1 2  ? 4.367   11.045  -12.880 1.00 15.30 ? 14  DG  B "C3'" 1 
ATOM   268 O  "O3'" . DG  B 1 2  ? 5.095   11.963  -12.080 1.00 15.06 ? 14  DG  B "O3'" 1 
ATOM   269 C  "C2'" . DG  B 1 2  ? 3.300   10.310  -12.080 1.00 14.05 ? 14  DG  B "C2'" 1 
ATOM   270 C  "C1'" . DG  B 1 2  ? 2.033   11.121  -12.310 1.00 13.68 ? 14  DG  B "C1'" 1 
ATOM   271 N  N9    . DG  B 1 2  ? 0.839   10.274  -12.345 1.00 12.31 ? 14  DG  B N9    1 
ATOM   272 C  C8    . DG  B 1 2  ? 0.697   9.110   -13.062 1.00 11.87 ? 14  DG  B C8    1 
ATOM   273 N  N7    . DG  B 1 2  ? -0.466  8.542   -12.910 1.00 11.91 ? 14  DG  B N7    1 
ATOM   274 C  C5    . DG  B 1 2  ? -1.146  9.381   -12.037 1.00 11.27 ? 14  DG  B C5    1 
ATOM   275 C  C6    . DG  B 1 2  ? -2.468  9.274   -11.504 1.00 10.24 ? 14  DG  B C6    1 
ATOM   276 O  O6    . DG  B 1 2  ? -3.302  8.388   -11.717 1.00 9.69  ? 14  DG  B O6    1 
ATOM   277 N  N1    . DG  B 1 2  ? -2.763  10.339  -10.655 1.00 10.30 ? 14  DG  B N1    1 
ATOM   278 C  C2    . DG  B 1 2  ? -1.898  11.373  -10.358 1.00 9.73  ? 14  DG  B C2    1 
ATOM   279 N  N2    . DG  B 1 2  ? -2.346  12.303  -9.528  1.00 9.63  ? 14  DG  B N2    1 
ATOM   280 N  N3    . DG  B 1 2  ? -0.668  11.483  -10.846 1.00 10.21 ? 14  DG  B N3    1 
ATOM   281 C  C4    . DG  B 1 2  ? -0.360  10.459  -11.674 1.00 11.32 ? 14  DG  B C4    1 
ATOM   282 P  P     . DC  B 1 3  ? 6.048   11.425  -10.904 1.00 16.68 ? 15  DC  B P     1 
ATOM   283 O  OP1   . DC  B 1 3  ? 7.156   12.402  -10.765 1.00 16.09 ? 15  DC  B OP1   1 
ATOM   284 O  OP2   . DC  B 1 3  ? 6.333   9.960   -11.068 1.00 18.23 ? 15  DC  B OP2   1 
ATOM   285 O  "O5'" . DC  B 1 3  ? 5.148   11.639  -9.601  1.00 14.95 ? 15  DC  B "O5'" 1 
ATOM   286 C  "C5'" . DC  B 1 3  ? 4.527   12.899  -9.376  1.00 13.00 ? 15  DC  B "C5'" 1 
ATOM   287 C  "C4'" . DC  B 1 3  ? 3.429   12.758  -8.353  1.00 12.94 ? 15  DC  B "C4'" 1 
ATOM   288 O  "O4'" . DC  B 1 3  ? 2.449   11.840  -8.890  1.00 12.58 ? 15  DC  B "O4'" 1 
ATOM   289 C  "C3'" . DC  B 1 3  ? 3.953   12.087  -7.094  1.00 12.28 ? 15  DC  B "C3'" 1 
ATOM   290 O  "O3'" . DC  B 1 3  ? 4.087   12.988  -6.031  1.00 13.31 ? 15  DC  B "O3'" 1 
ATOM   291 C  "C2'" . DC  B 1 3  ? 2.987   10.948  -6.796  1.00 13.35 ? 15  DC  B "C2'" 1 
ATOM   292 C  "C1'" . DC  B 1 3  ? 1.889   11.062  -7.837  1.00 12.56 ? 15  DC  B "C1'" 1 
ATOM   293 N  N1    . DC  B 1 3  ? 1.498   9.754   -8.409  1.00 12.46 ? 15  DC  B N1    1 
ATOM   294 C  C2    . DC  B 1 3  ? 0.157   9.330   -8.308  1.00 11.36 ? 15  DC  B C2    1 
ATOM   295 O  O2    . DC  B 1 3  ? -0.653  10.045  -7.720  1.00 12.80 ? 15  DC  B O2    1 
ATOM   296 N  N3    . DC  B 1 3  ? -0.218  8.154   -8.848  1.00 10.92 ? 15  DC  B N3    1 
ATOM   297 C  C4    . DC  B 1 3  ? 0.680   7.383   -9.461  1.00 11.49 ? 15  DC  B C4    1 
ATOM   298 N  N4    . DC  B 1 3  ? 0.250   6.229   -9.970  1.00 11.45 ? 15  DC  B N4    1 
ATOM   299 C  C5    . DC  B 1 3  ? 2.066   7.772   -9.574  1.00 12.14 ? 15  DC  B C5    1 
ATOM   300 C  C6    . DC  B 1 3  ? 2.425   8.956   -9.041  1.00 11.57 ? 15  DC  B C6    1 
ATOM   301 P  P     . DG  B 1 4  ? 4.775   12.492  -4.684  1.00 14.66 ? 16  DG  B P     1 
ATOM   302 O  OP1   . DG  B 1 4  ? 5.549   13.597  -4.118  1.00 14.53 ? 16  DG  B OP1   1 
ATOM   303 O  OP2   . DG  B 1 4  ? 5.387   11.143  -4.825  1.00 14.93 ? 16  DG  B OP2   1 
ATOM   304 O  "O5'" . DG  B 1 4  ? 3.522   12.283  -3.735  1.00 13.90 ? 16  DG  B "O5'" 1 
ATOM   305 C  "C5'" . DG  B 1 4  ? 2.631   13.355  -3.488  1.00 12.06 ? 16  DG  B "C5'" 1 
ATOM   306 C  "C4'" . DG  B 1 4  ? 1.432   12.836  -2.742  1.00 10.41 ? 16  DG  B "C4'" 1 
ATOM   307 O  "O4'" . DG  B 1 4  ? 0.846   11.796  -3.553  1.00 10.34 ? 16  DG  B "O4'" 1 
ATOM   308 C  "C3'" . DG  B 1 4  ? 1.743   12.191  -1.391  1.00 12.37 ? 16  DG  B "C3'" 1 
ATOM   309 O  "O3'" . DG  B 1 4  ? 0.690   12.577  -0.487  1.00 12.39 ? 16  DG  B "O3'" 1 
ATOM   310 C  "C2'" . DG  B 1 4  ? 1.801   10.705  -1.716  1.00 10.95 ? 16  DG  B "C2'" 1 
ATOM   311 C  "C1'" . DG  B 1 4  ? 0.781   10.582  -2.832  1.00 10.79 ? 16  DG  B "C1'" 1 
ATOM   312 N  N9    . DG  B 1 4  ? 1.014   9.483   -3.765  1.00 10.37 ? 16  DG  B N9    1 
ATOM   313 C  C8    . DG  B 1 4  ? 2.228   9.039   -4.246  1.00 10.33 ? 16  DG  B C8    1 
ATOM   314 N  N7    . DG  B 1 4  ? 2.117   8.009   -5.038  1.00 9.48  ? 16  DG  B N7    1 
ATOM   315 C  C5    . DG  B 1 4  ? 0.750   7.758   -5.095  1.00 10.23 ? 16  DG  B C5    1 
ATOM   316 C  C6    . DG  B 1 4  ? 0.021   6.742   -5.786  1.00 9.82  ? 16  DG  B C6    1 
ATOM   317 O  O6    . DG  B 1 4  ? 0.447   5.863   -6.548  1.00 9.74  ? 16  DG  B O6    1 
ATOM   318 N  N1    . DG  B 1 4  ? -1.350  6.825   -5.530  1.00 8.55  ? 16  DG  B N1    1 
ATOM   319 C  C2    . DG  B 1 4  ? -1.946  7.778   -4.746  1.00 9.39  ? 16  DG  B C2    1 
ATOM   320 N  N2    . DG  B 1 4  ? -3.300  7.686   -4.640  1.00 9.19  ? 16  DG  B N2    1 
ATOM   321 N  N3    . DG  B 1 4  ? -1.285  8.745   -4.113  1.00 9.41  ? 16  DG  B N3    1 
ATOM   322 C  C4    . DG  B 1 4  ? 0.055   8.669   -4.324  1.00 10.68 ? 16  DG  B C4    1 
ATOM   323 P  P     . DA  B 1 5  ? 0.353   11.720  0.836   1.00 13.12 ? 17  DA  B P     1 
ATOM   324 O  OP1   . DA  B 1 5  ? -0.170  12.742  1.765   1.00 13.68 ? 17  DA  B OP1   1 
ATOM   325 O  OP2   . DA  B 1 5  ? 1.417   10.797  1.316   1.00 13.65 ? 17  DA  B OP2   1 
ATOM   326 O  "O5'" . DA  B 1 5  ? -0.844  10.822  0.348   1.00 11.86 ? 17  DA  B "O5'" 1 
ATOM   327 C  "C5'" . DA  B 1 5  ? -2.008  11.414  -0.230  1.00 11.30 ? 17  DA  B "C5'" 1 
ATOM   328 C  "C4'" . DA  B 1 5  ? -3.118  10.396  -0.250  1.00 11.33 ? 17  DA  B "C4'" 1 
ATOM   329 O  "O4'" . DA  B 1 5  ? -2.787  9.333   -1.173  1.00 11.85 ? 17  DA  B "O4'" 1 
ATOM   330 C  "C3'" . DA  B 1 5  ? -3.372  9.712   1.096   1.00 12.51 ? 17  DA  B "C3'" 1 
ATOM   331 O  "O3'" . DA  B 1 5  ? -4.782  9.477   1.195   1.00 12.90 ? 17  DA  B "O3'" 1 
ATOM   332 C  "C2'" . DA  B 1 5  ? -2.592  8.414   0.979   1.00 11.43 ? 17  DA  B "C2'" 1 
ATOM   333 C  "C1'" . DA  B 1 5  ? -2.726  8.076   -0.498  1.00 11.38 ? 17  DA  B "C1'" 1 
ATOM   334 N  N9    . DA  B 1 5  ? -1.589  7.354   -1.075  1.00 9.62  ? 17  DA  B N9    1 
ATOM   335 C  C8    . DA  B 1 5  ? -0.282  7.718   -0.931  1.00 10.37 ? 17  DA  B C8    1 
ATOM   336 N  N7    . DA  B 1 5  ? 0.556   6.940   -1.562  1.00 8.79  ? 17  DA  B N7    1 
ATOM   337 C  C5    . DA  B 1 5  ? -0.248  5.991   -2.163  1.00 8.62  ? 17  DA  B C5    1 
ATOM   338 C  C6    . DA  B 1 5  ? 0.043   4.879   -2.989  1.00 8.79  ? 17  DA  B C6    1 
ATOM   339 N  N6    . DA  B 1 5  ? 1.290   4.539   -3.362  1.00 8.11  ? 17  DA  B N6    1 
ATOM   340 N  N1    . DA  B 1 5  ? -0.996  4.124   -3.422  1.00 8.00  ? 17  DA  B N1    1 
ATOM   341 C  C2    . DA  B 1 5  ? -2.240  4.480   -3.051  1.00 8.67  ? 17  DA  B C2    1 
ATOM   342 N  N3    . DA  B 1 5  ? -2.634  5.500   -2.291  1.00 8.27  ? 17  DA  B N3    1 
ATOM   343 C  C4    . DA  B 1 5  ? -1.584  6.229   -1.867  1.00 8.44  ? 17  DA  B C4    1 
ATOM   344 P  P     . DA  B 1 6  ? -5.405  8.716   2.480   1.00 13.72 ? 18  DA  B P     1 
ATOM   345 O  OP1   . DA  B 1 6  ? -6.784  9.262   2.585   1.00 15.89 ? 18  DA  B OP1   1 
ATOM   346 O  OP2   . DA  B 1 6  ? -4.507  8.781   3.643   1.00 15.22 ? 18  DA  B OP2   1 
ATOM   347 O  "O5'" . DA  B 1 6  ? -5.552  7.212   1.986   1.00 11.22 ? 18  DA  B "O5'" 1 
ATOM   348 C  "C5'" . DA  B 1 6  ? -6.373  6.917   0.873   1.00 9.74  ? 18  DA  B "C5'" 1 
ATOM   349 C  "C4'" . DA  B 1 6  ? -6.412  5.434   0.605   1.00 10.02 ? 18  DA  B "C4'" 1 
ATOM   350 O  "O4'" . DA  B 1 6  ? -5.172  4.990   -0.001  1.00 10.29 ? 18  DA  B "O4'" 1 
ATOM   351 C  "C3'" . DA  B 1 6  ? -6.640  4.557   1.834   1.00 9.75  ? 18  DA  B "C3'" 1 
ATOM   352 O  "O3'" . DA  B 1 6  ? -7.753  3.706   1.543   1.00 10.56 ? 18  DA  B "O3'" 1 
ATOM   353 C  "C2'" . DA  B 1 6  ? -5.313  3.803   2.009   1.00 9.77  ? 18  DA  B "C2'" 1 
ATOM   354 C  "C1'" . DA  B 1 6  ? -4.729  3.780   0.600   1.00 10.15 ? 18  DA  B "C1'" 1 
ATOM   355 N  N9    . DA  B 1 6  ? -3.262  3.755   0.496   1.00 9.07  ? 18  DA  B N9    1 
ATOM   356 C  C8    . DA  B 1 6  ? -2.368  4.616   1.088   1.00 9.02  ? 18  DA  B C8    1 
ATOM   357 N  N7    . DA  B 1 6  ? -1.109  4.354   0.804   1.00 8.38  ? 18  DA  B N7    1 
ATOM   358 C  C5    . DA  B 1 6  ? -1.176  3.245   -0.033  1.00 8.34  ? 18  DA  B C5    1 
ATOM   359 C  C6    . DA  B 1 6  ? -0.174  2.468   -0.682  1.00 7.57  ? 18  DA  B C6    1 
ATOM   360 N  N6    . DA  B 1 6  ? 1.137   2.741   -0.619  1.00 8.31  ? 18  DA  B N6    1 
ATOM   361 N  N1    . DA  B 1 6  ? -0.580  1.419   -1.424  1.00 7.32  ? 18  DA  B N1    1 
ATOM   362 C  C2    . DA  B 1 6  ? -1.891  1.167   -1.524  1.00 8.42  ? 18  DA  B C2    1 
ATOM   363 N  N3    . DA  B 1 6  ? -2.918  1.821   -0.977  1.00 8.21  ? 18  DA  B N3    1 
ATOM   364 C  C4    . DA  B 1 6  ? -2.492  2.858   -0.231  1.00 8.43  ? 18  DA  B C4    1 
ATOM   365 P  P     . DT  B 1 7  ? -8.195  2.581   2.593   1.00 11.75 ? 19  DT  B P     1 
ATOM   366 O  OP1   . DT  B 1 7  ? -9.650  2.384   2.405   1.00 13.79 ? 19  DT  B OP1   1 
ATOM   367 O  OP2   . DT  B 1 7  ? -7.644  2.875   3.913   1.00 11.65 ? 19  DT  B OP2   1 
ATOM   368 O  "O5'" . DT  B 1 7  ? -7.497  1.288   2.028   1.00 11.34 ? 19  DT  B "O5'" 1 
ATOM   369 C  "C5'" . DT  B 1 7  ? -7.582  1.017   0.654   1.00 10.09 ? 19  DT  B "C5'" 1 
ATOM   370 C  "C4'" . DT  B 1 7  ? -6.762  -0.198  0.318   1.00 10.54 ? 19  DT  B "C4'" 1 
ATOM   371 O  "O4'" . DT  B 1 7  ? -5.350  0.115   0.321   1.00 10.27 ? 19  DT  B "O4'" 1 
ATOM   372 C  "C3'" . DT  B 1 7  ? -6.959  -1.366  1.288   1.00 9.06  ? 19  DT  B "C3'" 1 
ATOM   373 O  "O3'" . DT  B 1 7  ? -7.483  -2.446  0.530   1.00 9.47  ? 19  DT  B "O3'" 1 
ATOM   374 C  "C2'" . DT  B 1 7  ? -5.554  -1.646  1.842   1.00 9.50  ? 19  DT  B "C2'" 1 
ATOM   375 C  "C1'" . DT  B 1 7  ? -4.635  -1.007  0.803   1.00 8.39  ? 19  DT  B "C1'" 1 
ATOM   376 N  N1    . DT  B 1 7  ? -3.329  -0.510  1.289   1.00 7.38  ? 19  DT  B N1    1 
ATOM   377 C  C2    . DT  B 1 7  ? -2.154  -1.076  0.762   1.00 6.72  ? 19  DT  B C2    1 
ATOM   378 O  O2    . DT  B 1 7  ? -2.153  -1.982  -0.055  1.00 7.65  ? 19  DT  B O2    1 
ATOM   379 N  N3    . DT  B 1 7  ? -0.992  -0.521  1.241   1.00 6.38  ? 19  DT  B N3    1 
ATOM   380 C  C4    . DT  B 1 7  ? -0.873  0.494   2.157   1.00 6.56  ? 19  DT  B C4    1 
ATOM   381 O  O4    . DT  B 1 7  ? 0.234   0.894   2.474   1.00 7.84  ? 19  DT  B O4    1 
ATOM   382 C  C5    . DT  B 1 7  ? -2.150  1.026   2.683   1.00 6.49  ? 19  DT  B C5    1 
ATOM   383 C  C7    . DT  B 1 7  ? -2.129  2.123   3.693   1.00 7.25  ? 19  DT  B C7    1 
ATOM   384 C  C6    . DT  B 1 7  ? -3.280  0.498   2.221   1.00 6.27  ? 19  DT  B C6    1 
ATOM   385 P  P     . DT  B 1 8  ? -7.923  -3.810  1.244   1.00 11.43 ? 20  DT  B P     1 
ATOM   386 O  OP1   . DT  B 1 8  ? -9.010  -4.322  0.383   1.00 12.00 ? 20  DT  B OP1   1 
ATOM   387 O  OP2   . DT  B 1 8  ? -8.128  -3.657  2.704   1.00 9.53  ? 20  DT  B OP2   1 
ATOM   388 O  "O5'" . DT  B 1 8  ? -6.646  -4.744  1.014   1.00 10.35 ? 20  DT  B "O5'" 1 
ATOM   389 C  "C5'" . DT  B 1 8  ? -6.136  -4.946  -0.293  1.00 9.14  ? 20  DT  B "C5'" 1 
ATOM   390 C  "C4'" . DT  B 1 8  ? -4.809  -5.671  -0.235  1.00 9.04  ? 20  DT  B "C4'" 1 
ATOM   391 O  "O4'" . DT  B 1 8  ? -3.764  -4.816  0.275   1.00 8.78  ? 20  DT  B "O4'" 1 
ATOM   392 C  "C3'" . DT  B 1 8  ? -4.793  -6.941  0.624   1.00 9.59  ? 20  DT  B "C3'" 1 
ATOM   393 O  "O3'" . DT  B 1 8  ? -4.362  -7.987  -0.238  1.00 11.83 ? 20  DT  B "O3'" 1 
ATOM   394 C  "C2'" . DT  B 1 8  ? -3.784  -6.639  1.731   1.00 9.53  ? 20  DT  B "C2'" 1 
ATOM   395 C  "C1'" . DT  B 1 8  ? -2.881  -5.604  1.073   1.00 8.69  ? 20  DT  B "C1'" 1 
ATOM   396 N  N1    . DT  B 1 8  ? -2.141  -4.678  1.969   1.00 8.00  ? 20  DT  B N1    1 
ATOM   397 C  C2    . DT  B 1 8  ? -0.745  -4.616  1.851   1.00 7.44  ? 20  DT  B C2    1 
ATOM   398 O  O2    . DT  B 1 8  ? -0.110  -5.316  1.084   1.00 7.57  ? 20  DT  B O2    1 
ATOM   399 N  N3    . DT  B 1 8  ? -0.135  -3.708  2.689   1.00 7.44  ? 20  DT  B N3    1 
ATOM   400 C  C4    . DT  B 1 8  ? -0.744  -2.882  3.623   1.00 7.14  ? 20  DT  B C4    1 
ATOM   401 O  O4    . DT  B 1 8  ? -0.064  -2.115  4.290   1.00 7.84  ? 20  DT  B O4    1 
ATOM   402 C  C5    . DT  B 1 8  ? -2.206  -3.013  3.712   1.00 7.12  ? 20  DT  B C5    1 
ATOM   403 C  C7    . DT  B 1 8  ? -2.953  -2.163  4.693   1.00 7.07  ? 20  DT  B C7    1 
ATOM   404 C  C6    . DT  B 1 8  ? -2.813  -3.888  2.893   1.00 7.73  ? 20  DT  B C6    1 
ATOM   405 P  P     . DC  B 1 9  ? -4.214  -9.489  0.301   1.00 12.06 ? 21  DC  B P     1 
ATOM   406 O  OP1   . DC  B 1 9  ? -4.678  -10.348 -0.774  1.00 11.11 ? 21  DC  B OP1   1 
ATOM   407 O  OP2   . DC  B 1 9  ? -4.796  -9.637  1.663   1.00 12.68 ? 21  DC  B OP2   1 
ATOM   408 O  "O5'" . DC  B 1 9  ? -2.641  -9.644  0.443   1.00 11.79 ? 21  DC  B "O5'" 1 
ATOM   409 C  "C5'" . DC  B 1 9  ? -1.789  -9.418  -0.681  1.00 11.63 ? 21  DC  B "C5'" 1 
ATOM   410 C  "C4'" . DC  B 1 9  ? -0.355  -9.676  -0.295  1.00 10.67 ? 21  DC  B "C4'" 1 
ATOM   411 O  "O4'" . DC  B 1 9  ? 0.106   -8.651  0.606   1.00 10.02 ? 21  DC  B "O4'" 1 
ATOM   412 C  "C3'" . DC  B 1 9  ? -0.145  -11.003 0.431   1.00 12.57 ? 21  DC  B "C3'" 1 
ATOM   413 O  "O3'" . DC  B 1 9  ? 0.979   -11.664 -0.133  1.00 14.48 ? 21  DC  B "O3'" 1 
ATOM   414 C  "C2'" . DC  B 1 9  ? 0.082   -10.623 1.890   1.00 10.75 ? 21  DC  B "C2'" 1 
ATOM   415 C  "C1'" . DC  B 1 9  ? 0.685   -9.233  1.779   1.00 10.73 ? 21  DC  B "C1'" 1 
ATOM   416 N  N1    . DC  B 1 9  ? 0.437   -8.273  2.876   1.00 10.09 ? 21  DC  B N1    1 
ATOM   417 C  C2    . DC  B 1 9  ? 1.532   -7.588  3.445   1.00 10.07 ? 21  DC  B C2    1 
ATOM   418 O  O2    . DC  B 1 9  ? 2.697   -7.856  3.039   1.00 10.67 ? 21  DC  B O2    1 
ATOM   419 N  N3    . DC  B 1 9  ? 1.308   -6.650  4.403   1.00 7.87  ? 21  DC  B N3    1 
ATOM   420 C  C4    . DC  B 1 9  ? 0.054   -6.390  4.800   1.00 6.27  ? 21  DC  B C4    1 
ATOM   421 N  N4    . DC  B 1 9  ? -0.118  -5.463  5.725   1.00 5.47  ? 21  DC  B N4    1 
ATOM   422 C  C5    . DC  B 1 9  ? -1.065  -7.083  4.253   1.00 7.52  ? 21  DC  B C5    1 
ATOM   423 C  C6    . DC  B 1 9  ? -0.835  -8.011  3.308   1.00 8.76  ? 21  DC  B C6    1 
ATOM   424 P  P     . DG  B 1 10 ? 1.071   -13.267 -0.054  1.00 17.18 ? 22  DG  B P     1 
ATOM   425 O  OP1   . DG  B 1 10 ? 1.705   -13.642 -1.329  1.00 17.63 ? 22  DG  B OP1   1 
ATOM   426 O  OP2   . DG  B 1 10 ? -0.226  -13.901 0.344   1.00 17.40 ? 22  DG  B OP2   1 
ATOM   427 O  "O5'" . DG  B 1 10 ? 2.050   -13.493 1.179   1.00 15.39 ? 22  DG  B "O5'" 1 
ATOM   428 C  "C5'" . DG  B 1 10 ? 3.354   -12.936 1.188   1.00 13.34 ? 22  DG  B "C5'" 1 
ATOM   429 C  "C4'" . DG  B 1 10 ? 3.869   -12.934 2.602   1.00 12.05 ? 22  DG  B "C4'" 1 
ATOM   430 O  "O4'" . DG  B 1 10 ? 3.245   -11.855 3.339   1.00 10.80 ? 22  DG  B "O4'" 1 
ATOM   431 C  "C3'" . DG  B 1 10 ? 3.536   -14.222 3.371   1.00 13.40 ? 22  DG  B "C3'" 1 
ATOM   432 O  "O3'" . DG  B 1 10 ? 4.679   -14.603 4.143   1.00 14.29 ? 22  DG  B "O3'" 1 
ATOM   433 C  "C2'" . DG  B 1 10 ? 2.406   -13.784 4.293   1.00 11.63 ? 22  DG  B "C2'" 1 
ATOM   434 C  "C1'" . DG  B 1 10 ? 2.868   -12.377 4.595   1.00 10.14 ? 22  DG  B "C1'" 1 
ATOM   435 N  N9    . DG  B 1 10 ? 1.936   -11.451 5.222   1.00 10.22 ? 22  DG  B N9    1 
ATOM   436 C  C8    . DG  B 1 10 ? 0.553   -11.458 5.185   1.00 9.63  ? 22  DG  B C8    1 
ATOM   437 N  N7    . DG  B 1 10 ? 0.020   -10.484 5.880   1.00 7.61  ? 22  DG  B N7    1 
ATOM   438 C  C5    . DG  B 1 10 ? 1.111   -9.790  6.402   1.00 8.78  ? 22  DG  B C5    1 
ATOM   439 C  C6    . DG  B 1 10 ? 1.175   -8.619  7.228   1.00 8.29  ? 22  DG  B C6    1 
ATOM   440 O  O6    . DG  B 1 10 ? 0.244   -7.925  7.674   1.00 8.17  ? 22  DG  B O6    1 
ATOM   441 N  N1    . DG  B 1 10 ? 2.499   -8.263  7.518   1.00 7.44  ? 22  DG  B N1    1 
ATOM   442 C  C2    . DG  B 1 10 ? 3.621   -8.934  7.057   1.00 7.80  ? 22  DG  B C2    1 
ATOM   443 N  N2    . DG  B 1 10 ? 4.813   -8.448  7.438   1.00 7.75  ? 22  DG  B N2    1 
ATOM   444 N  N3    . DG  B 1 10 ? 3.571   -10.001 6.283   1.00 8.17  ? 22  DG  B N3    1 
ATOM   445 C  C4    . DG  B 1 10 ? 2.300   -10.377 5.998   1.00 9.51  ? 22  DG  B C4    1 
ATOM   446 P  P     . DC  B 1 11 ? 4.900   -16.136 4.552   1.00 16.26 ? 23  DC  B P     1 
ATOM   447 O  OP1   . DC  B 1 11 ? 5.237   -16.918 3.336   1.00 17.00 ? 23  DC  B OP1   1 
ATOM   448 O  OP2   . DC  B 1 11 ? 3.761   -16.563 5.421   1.00 19.44 ? 23  DC  B OP2   1 
ATOM   449 O  "O5'" . DC  B 1 11 ? 6.210   -16.050 5.442   1.00 16.98 ? 23  DC  B "O5'" 1 
ATOM   450 C  "C5'" . DC  B 1 11 ? 7.246   -15.174 5.064   1.00 13.98 ? 23  DC  B "C5'" 1 
ATOM   451 C  "C4'" . DC  B 1 11 ? 7.768   -14.446 6.272   1.00 14.38 ? 23  DC  B "C4'" 1 
ATOM   452 O  "O4'" . DC  B 1 11 ? 6.889   -13.333 6.603   1.00 13.89 ? 23  DC  B "O4'" 1 
ATOM   453 C  "C3'" . DC  B 1 11 ? 7.810   -15.353 7.501   1.00 15.28 ? 23  DC  B "C3'" 1 
ATOM   454 O  "O3'" . DC  B 1 11 ? 9.086   -15.498 8.085   1.00 17.15 ? 23  DC  B "O3'" 1 
ATOM   455 C  "C2'" . DC  B 1 11 ? 6.945   -14.665 8.528   1.00 15.49 ? 23  DC  B "C2'" 1 
ATOM   456 C  "C1'" . DC  B 1 11 ? 6.697   -13.265 8.010   1.00 13.24 ? 23  DC  B "C1'" 1 
ATOM   457 N  N1    . DC  B 1 11 ? 5.271   -12.982 8.252   1.00 11.72 ? 23  DC  B N1    1 
ATOM   458 C  C2    . DC  B 1 11 ? 4.904   -11.879 9.011   1.00 11.23 ? 23  DC  B C2    1 
ATOM   459 O  O2    . DC  B 1 11 ? 5.786   -11.153 9.480   1.00 9.03  ? 23  DC  B O2    1 
ATOM   460 N  N3    . DC  B 1 11 ? 3.580   -11.635 9.225   1.00 10.32 ? 23  DC  B N3    1 
ATOM   461 C  C4    . DC  B 1 11 ? 2.661   -12.464 8.720   1.00 11.17 ? 23  DC  B C4    1 
ATOM   462 N  N4    . DC  B 1 11 ? 1.366   -12.201 8.949   1.00 9.70  ? 23  DC  B N4    1 
ATOM   463 C  C5    . DC  B 1 11 ? 3.020   -13.604 7.954   1.00 11.22 ? 23  DC  B C5    1 
ATOM   464 C  C6    . DC  B 1 11 ? 4.323   -13.817 7.740   1.00 11.01 ? 23  DC  B C6    1 
ATOM   465 P  P     . DG  B 1 12 ? 9.240   -16.424 9.390   1.00 17.03 ? 24  DG  B P     1 
ATOM   466 O  OP1   . DG  B 1 12 ? 10.576  -17.040 9.224   1.00 18.28 ? 24  DG  B OP1   1 
ATOM   467 O  OP2   . DG  B 1 12 ? 8.051   -17.287 9.658   1.00 19.40 ? 24  DG  B OP2   1 
ATOM   468 O  "O5'" . DG  B 1 12 ? 9.331   -15.382 10.575  1.00 15.17 ? 24  DG  B "O5'" 1 
ATOM   469 C  "C5'" . DG  B 1 12 ? 10.325  -14.366 10.572  1.00 12.69 ? 24  DG  B "C5'" 1 
ATOM   470 C  "C4'" . DG  B 1 12 ? 10.047  -13.386 11.681  1.00 11.81 ? 24  DG  B "C4'" 1 
ATOM   471 O  "O4'" . DG  B 1 12 ? 8.743   -12.839 11.395  1.00 10.89 ? 24  DG  B "O4'" 1 
ATOM   472 C  "C3'" . DG  B 1 12 ? 9.917   -14.031 13.066  1.00 11.22 ? 24  DG  B "C3'" 1 
ATOM   473 O  "O3'" . DG  B 1 12 ? 11.031  -14.225 13.914  1.00 11.44 ? 24  DG  B "O3'" 1 
ATOM   474 C  "C2'" . DG  B 1 12 ? 8.737   -13.351 13.721  1.00 11.46 ? 24  DG  B "C2'" 1 
ATOM   475 C  "C1'" . DG  B 1 12 ? 8.020   -12.614 12.605  1.00 11.09 ? 24  DG  B "C1'" 1 
ATOM   476 N  N9    . DG  B 1 12 ? 6.684   -13.143 12.371  1.00 9.59  ? 24  DG  B N9    1 
ATOM   477 C  C8    . DG  B 1 12 ? 6.384   -14.287 11.689  1.00 8.71  ? 24  DG  B C8    1 
ATOM   478 N  N7    . DG  B 1 12 ? 5.108   -14.508 11.594  1.00 9.53  ? 24  DG  B N7    1 
ATOM   479 C  C5    . DG  B 1 12 ? 4.525   -13.436 12.262  1.00 9.08  ? 24  DG  B C5    1 
ATOM   480 C  C6    . DG  B 1 12 ? 3.150   -13.124 12.477  1.00 8.15  ? 24  DG  B C6    1 
ATOM   481 O  O6    . DG  B 1 12 ? 2.159   -13.743 12.086  1.00 8.30  ? 24  DG  B O6    1 
ATOM   482 N  N1    . DG  B 1 12 ? 3.002   -11.958 13.212  1.00 8.76  ? 24  DG  B N1    1 
ATOM   483 C  C2    . DG  B 1 12 ? 4.030   -11.174 13.675  1.00 9.04  ? 24  DG  B C2    1 
ATOM   484 N  N2    . DG  B 1 12 ? 3.686   -10.075 14.384  1.00 9.71  ? 24  DG  B N2    1 
ATOM   485 N  N3    . DG  B 1 12 ? 5.322   -11.445 13.460  1.00 8.46  ? 24  DG  B N3    1 
ATOM   486 C  C4    . DG  B 1 12 ? 5.485   -12.587 12.757  1.00 8.88  ? 24  DG  B C4    1 
HETATM 487 MG MG    . MG  C 2 .  ? -3.409  -8.525  9.570   1.00 9.69  ? 25  MG  A MG    1 
HETATM 488 MG MG    . MG  D 2 .  ? -8.160  19.157  -1.751  1.00 16.38 ? 26  MG  A MG    1 
HETATM 489 S  S1    . SSP E 3 .  ? 5.589   3.351   2.353   1.00 12.95 ? 27  SSP A S1    1 
HETATM 490 S  S2    . SSP E 3 .  ? 4.524   4.894   1.584   1.00 13.78 ? 27  SSP A S2    1 
HETATM 491 C  CA1   . SSP E 3 .  ? 4.078   0.511   1.395   1.00 8.68  ? 27  SSP A CA1   1 
HETATM 492 C  CB1   . SSP E 3 .  ? 4.764   1.578   0.531   1.00 11.29 ? 27  SSP A CB1   1 
HETATM 493 C  CG1   . SSP E 3 .  ? 6.037   1.984   1.259   1.00 12.57 ? 27  SSP A CG1   1 
HETATM 494 C  CA2   . SSP E 3 .  ? 1.670   3.871   0.121   1.00 8.44  ? 27  SSP A CA2   1 
HETATM 495 C  CB2   . SSP E 3 .  ? 2.084   3.677   1.559   1.00 10.46 ? 27  SSP A CB2   1 
HETATM 496 C  CG2   . SSP E 3 .  ? 2.737   4.997   1.934   1.00 12.47 ? 27  SSP A CG2   1 
HETATM 497 MG MG    . MG  F 2 .  ? -0.875  13.307  3.780   1.00 27.12 ? 27  MG  B MG    1 
HETATM 498 O  O     . HOH G 4 .  ? 6.313   0.473   4.635   1.00 12.30 ? 28  HOH A O     1 
HETATM 499 O  O     . HOH G 4 .  ? -5.952  -5.679  16.981  1.00 22.80 ? 29  HOH A O     1 
HETATM 500 O  O     . HOH G 4 .  ? -1.884  -4.061  13.779  1.00 16.00 ? 31  HOH A O     1 
HETATM 501 O  O     . HOH G 4 .  ? 4.716   -3.006  -6.817  1.00 10.96 ? 32  HOH A O     1 
HETATM 502 O  O     . HOH G 4 .  ? 4.743   2.801   -2.962  1.00 12.96 ? 34  HOH A O     1 
HETATM 503 O  O     . HOH G 4 .  ? -8.055  1.239   -10.414 1.00 27.56 ? 35  HOH A O     1 
HETATM 504 O  O     . HOH G 4 .  ? -5.561  5.450   -2.813  1.00 8.65  ? 37  HOH A O     1 
HETATM 505 O  O     . HOH G 4 .  ? 7.508   -0.639  -0.563  1.00 13.78 ? 39  HOH A O     1 
HETATM 506 O  O     . HOH G 4 .  ? 8.089   -2.194  -5.362  1.00 17.12 ? 40  HOH A O     1 
HETATM 507 O  O     . HOH G 4 .  ? -5.220  -4.817  10.418  1.00 12.77 ? 41  HOH A O     1 
HETATM 508 O  O     . HOH G 4 .  ? 2.785   -7.908  -1.709  1.00 10.30 ? 43  HOH A O     1 
HETATM 509 O  O     . HOH G 4 .  ? 3.182   -0.452  7.762   1.00 19.05 ? 44  HOH A O     1 
HETATM 510 O  O     . HOH G 4 .  ? 0.824   -1.933  7.628   1.00 13.40 ? 45  HOH A O     1 
HETATM 511 O  O     . HOH G 4 .  ? -1.874  -12.013 16.652  1.00 17.15 ? 46  HOH A O     1 
HETATM 512 O  O     . HOH G 4 .  ? 3.312   -2.210  -9.066  1.00 18.52 ? 49  HOH A O     1 
HETATM 513 O  O     . HOH G 4 .  ? 10.608  -8.781  3.968   1.00 12.05 ? 51  HOH A O     1 
HETATM 514 O  O     . HOH G 4 .  ? -0.199  2.131   -10.012 1.00 11.59 ? 53  HOH A O     1 
HETATM 515 O  O     . HOH G 4 .  ? -8.396  7.562   -12.463 1.00 16.92 ? 54  HOH A O     1 
HETATM 516 O  O     . HOH G 4 .  ? 9.949   -9.305  -0.472  1.00 14.37 ? 55  HOH A O     1 
HETATM 517 O  O     . HOH G 4 .  ? 6.820   -0.632  -7.035  1.00 20.93 ? 59  HOH A O     1 
HETATM 518 O  O     . HOH G 4 .  ? -1.170  -4.939  21.011  1.00 24.79 ? 60  HOH A O     1 
HETATM 519 O  O     . HOH G 4 .  ? 3.642   1.174   5.406   1.00 13.69 ? 61  HOH A O     1 
HETATM 520 O  O     . HOH G 4 .  ? -5.337  -1.754  -3.077  1.00 14.98 ? 62  HOH A O     1 
HETATM 521 O  O     . HOH G 4 .  ? -6.121  8.931   -5.510  1.00 12.77 ? 66  HOH A O     1 
HETATM 522 O  O     . HOH G 4 .  ? -5.316  2.752   -11.465 1.00 20.50 ? 68  HOH A O     1 
HETATM 523 O  O     . HOH G 4 .  ? -5.626  20.931  -4.496  1.00 17.27 ? 69  HOH A O     1 
HETATM 524 O  O     . HOH G 4 .  ? -6.905  7.734   -3.159  1.00 19.67 ? 70  HOH A O     1 
HETATM 525 O  O     . HOH G 4 .  ? -10.645 12.573  -10.828 1.00 15.11 ? 71  HOH A O     1 
HETATM 526 O  O     . HOH G 4 .  ? 11.920  -5.996  7.478   1.00 17.48 ? 72  HOH A O     1 
HETATM 527 O  O     . HOH G 4 .  ? -3.908  -5.613  12.698  1.00 11.91 ? 74  HOH A O     1 
HETATM 528 O  O     . HOH G 4 .  ? 0.700   -2.352  -9.712  1.00 21.12 ? 75  HOH A O     1 
HETATM 529 O  O     . HOH G 4 .  ? 7.490   1.362   7.039   1.00 19.63 ? 76  HOH A O     1 
HETATM 530 O  O     . HOH G 4 .  ? 8.067   -7.814  4.155   1.00 12.74 ? 79  HOH A O     1 
HETATM 531 O  O     . HOH G 4 .  ? 4.822   -10.065 -5.085  1.00 16.27 ? 80  HOH A O     1 
HETATM 532 O  O     . HOH G 4 .  ? -2.511  -12.580 9.271   1.00 16.88 ? 81  HOH A O     1 
HETATM 533 O  O     . HOH G 4 .  ? 13.142  -6.423  1.145   1.00 21.69 ? 82  HOH A O     1 
HETATM 534 O  O     . HOH G 4 .  ? -9.461  3.028   -1.816  1.00 18.29 ? 83  HOH A O     1 
HETATM 535 O  O     . HOH G 4 .  ? -10.559 17.454  -6.129  1.00 18.35 ? 84  HOH A O     1 
HETATM 536 O  O     . HOH G 4 .  ? 7.712   -8.288  1.640   1.00 20.11 ? 86  HOH A O     1 
HETATM 537 O  O     . HOH G 4 .  ? 2.683   -10.059 -3.138  1.00 16.15 ? 87  HOH A O     1 
HETATM 538 O  O     . HOH G 4 .  ? 8.597   1.510   3.404   1.00 16.74 ? 88  HOH A O     1 
HETATM 539 O  O     . HOH G 4 .  ? 9.014   3.682   1.783   1.00 27.19 ? 89  HOH A O     1 
HETATM 540 O  O     . HOH G 4 .  ? 8.342   -2.479  -2.675  1.00 17.06 ? 90  HOH A O     1 
HETATM 541 O  O     . HOH G 4 .  ? 7.312   1.777   -2.416  1.00 14.33 ? 91  HOH A O     1 
HETATM 542 O  O     . HOH G 4 .  ? -1.211  -0.531  -9.809  1.00 20.21 ? 92  HOH A O     1 
HETATM 543 O  O     . HOH G 4 .  ? -1.184  -3.247  9.319   1.00 17.30 ? 93  HOH A O     1 
HETATM 544 O  O     . HOH G 4 .  ? -6.108  22.767  -2.388  1.00 15.94 ? 94  HOH A O     1 
HETATM 545 O  O     . HOH G 4 .  ? 11.892  -8.712  1.519   1.00 11.65 ? 95  HOH A O     1 
HETATM 546 O  O     . HOH G 4 .  ? -2.927  -3.070  -2.445  1.00 10.05 ? 96  HOH A O     1 
HETATM 547 O  O     . HOH G 4 .  ? -0.064  -9.457  -4.503  1.00 31.65 ? 97  HOH A O     1 
HETATM 548 O  O     . HOH G 4 .  ? 11.855  -2.678  -1.388  1.00 21.75 ? 98  HOH A O     1 
HETATM 549 O  O     . HOH G 4 .  ? -1.483  -2.262  11.791  1.00 20.45 ? 104 HOH A O     1 
HETATM 550 O  O     . HOH G 4 .  ? 9.591   -0.834  2.649   1.00 26.89 ? 107 HOH A O     1 
HETATM 551 O  O     . HOH G 4 .  ? 10.237  -0.979  0.138   1.00 34.21 ? 108 HOH A O     1 
HETATM 552 O  O     . HOH G 4 .  ? 4.012   2.504   -6.298  1.00 24.35 ? 109 HOH A O     1 
HETATM 553 O  O     . HOH G 4 .  ? -2.152  3.436   -11.715 1.00 19.81 ? 111 HOH A O     1 
HETATM 554 O  O     . HOH G 4 .  ? 13.531  -3.997  0.168   1.00 40.40 ? 116 HOH A O     1 
HETATM 555 O  O     . HOH G 4 .  ? 14.857  -5.470  2.915   1.00 34.03 ? 117 HOH A O     1 
HETATM 556 O  O     . HOH G 4 .  ? -5.610  17.456  0.694   1.00 31.71 ? 123 HOH A O     1 
HETATM 557 O  O     . HOH G 4 .  ? 2.537   1.973   -10.979 1.00 25.96 ? 125 HOH A O     1 
HETATM 558 O  O     . HOH G 4 .  ? -4.359  0.393   -10.511 1.00 23.79 ? 126 HOH A O     1 
HETATM 559 O  O     . HOH G 4 .  ? 1.414   -2.611  -12.624 1.00 32.17 ? 127 HOH A O     1 
HETATM 560 O  O     . HOH G 4 .  ? -10.016 3.265   -9.405  1.00 27.93 ? 128 HOH A O     1 
HETATM 561 O  O     . HOH G 4 .  ? -9.688  5.490   -11.691 1.00 30.28 ? 129 HOH A O     1 
HETATM 562 O  O     . HOH G 4 .  ? -9.608  10.905  -13.318 1.00 29.13 ? 130 HOH A O     1 
HETATM 563 O  O     . HOH G 4 .  ? -11.272 9.760   -10.574 1.00 25.35 ? 131 HOH A O     1 
HETATM 564 O  O     . HOH G 4 .  ? -2.532  -7.698  -4.386  1.00 24.21 ? 132 HOH A O     1 
HETATM 565 O  O     . HOH G 4 .  ? -2.393  -8.453  -6.878  1.00 25.28 ? 133 HOH A O     1 
HETATM 566 O  O     . HOH G 4 .  ? -1.904  -13.687 14.677  1.00 28.76 ? 134 HOH A O     1 
HETATM 567 O  O     . HOH G 4 .  ? 4.320   0.672   -9.015  1.00 41.69 ? 146 HOH A O     1 
HETATM 568 O  O     . HOH G 4 .  ? -7.635  -3.889  11.056  1.00 22.69 ? 155 HOH A O     1 
HETATM 569 O  O     . HOH G 4 .  ? -5.889  20.278  1.247   1.00 25.90 ? 156 HOH A O     1 
HETATM 570 O  O     . HOH G 4 .  ? -10.778 -1.263  -7.395  1.00 27.89 ? 164 HOH A O     1 
HETATM 571 O  O     . HOH G 4 .  ? -6.520  2.944   -14.368 1.00 39.64 ? 166 HOH A O     1 
HETATM 572 O  O     . HOH G 4 .  ? -4.938  -7.124  9.338   1.00 8.56  ? 167 HOH A O     1 
HETATM 573 O  O     . HOH G 4 .  ? -1.829  -9.837  9.703   1.00 8.83  ? 168 HOH A O     1 
HETATM 574 O  O     . HOH G 4 .  ? -4.517  -9.513  11.022  1.00 7.69  ? 169 HOH A O     1 
HETATM 575 O  O     . HOH G 4 .  ? -2.624  -7.418  11.054  1.00 9.01  ? 171 HOH A O     1 
HETATM 576 O  O     . HOH G 4 .  ? -8.817  18.594  0.213   1.00 15.12 ? 173 HOH A O     1 
HETATM 577 O  O     . HOH G 4 .  ? -7.647  19.331  -3.703  1.00 15.61 ? 174 HOH A O     1 
HETATM 578 O  O     . HOH G 4 .  ? -6.765  17.706  -1.819  1.00 15.87 ? 175 HOH A O     1 
HETATM 579 O  O     . HOH G 4 .  ? -9.564  20.689  -1.706  1.00 14.54 ? 176 HOH A O     1 
HETATM 580 O  O     . HOH G 4 .  ? -9.627  17.894  -2.388  1.00 16.63 ? 177 HOH A O     1 
HETATM 581 O  O     . HOH G 4 .  ? -6.810  20.379  -0.994  1.00 17.04 ? 178 HOH A O     1 
HETATM 582 O  O     . HOH H 4 .  ? -3.954  -8.884  4.211   1.00 14.18 ? 30  HOH B O     1 
HETATM 583 O  O     . HOH H 4 .  ? -4.044  6.372   -13.580 1.00 20.42 ? 33  HOH B O     1 
HETATM 584 O  O     . HOH H 4 .  ? -1.640  5.736   -13.198 1.00 28.79 ? 36  HOH B O     1 
HETATM 585 O  O     . HOH H 4 .  ? 4.207   -7.505  0.723   1.00 10.05 ? 38  HOH B O     1 
HETATM 586 O  O     . HOH H 4 .  ? 0.678   -6.058  -1.413  1.00 8.80  ? 42  HOH B O     1 
HETATM 587 O  O     . HOH H 4 .  ? -2.852  -5.342  6.667   1.00 10.39 ? 47  HOH B O     1 
HETATM 588 O  O     . HOH H 4 .  ? -3.724  -3.478  8.353   1.00 12.80 ? 48  HOH B O     1 
HETATM 589 O  O     . HOH H 4 .  ? 3.186   7.307   -0.712  1.00 12.87 ? 50  HOH B O     1 
HETATM 590 O  O     . HOH H 4 .  ? -6.858  3.099   -2.186  1.00 11.93 ? 52  HOH B O     1 
HETATM 591 O  O     . HOH H 4 .  ? 1.157   2.151   4.766   1.00 10.87 ? 56  HOH B O     1 
HETATM 592 O  O     . HOH H 4 .  ? -5.177  -6.441  5.312   1.00 10.18 ? 57  HOH B O     1 
HETATM 593 O  O     . HOH H 4 .  ? -1.651  -5.732  -2.806  1.00 17.34 ? 58  HOH B O     1 
HETATM 594 O  O     . HOH H 4 .  ? -5.118  1.038   -2.555  1.00 8.73  ? 63  HOH B O     1 
HETATM 595 O  O     . HOH H 4 .  ? 2.910   4.898   -7.450  1.00 18.71 ? 64  HOH B O     1 
HETATM 596 O  O     . HOH H 4 .  ? 4.481   5.338   -2.295  1.00 17.74 ? 65  HOH B O     1 
HETATM 597 O  O     . HOH H 4 .  ? -5.664  10.287  -2.726  1.00 16.83 ? 67  HOH B O     1 
HETATM 598 O  O     . HOH H 4 .  ? -0.409  -14.126 7.508   1.00 15.85 ? 73  HOH B O     1 
HETATM 599 O  O     . HOH H 4 .  ? -2.755  -10.366 5.919   1.00 8.87  ? 77  HOH B O     1 
HETATM 600 O  O     . HOH H 4 .  ? 5.580   -10.018 4.048   1.00 14.71 ? 78  HOH B O     1 
HETATM 601 O  O     . HOH H 4 .  ? 0.583   4.747   5.016   1.00 19.21 ? 85  HOH B O     1 
HETATM 602 O  O     . HOH H 4 .  ? -5.641  0.948   4.618   1.00 13.97 ? 99  HOH B O     1 
HETATM 603 O  O     . HOH H 4 .  ? 7.636   -20.012 9.804   1.00 33.39 ? 100 HOH B O     1 
HETATM 604 O  O     . HOH H 4 .  ? 3.278   -17.358 7.925   1.00 26.35 ? 101 HOH B O     1 
HETATM 605 O  O     . HOH H 4 .  ? 0.342   -14.952 14.038  1.00 20.34 ? 102 HOH B O     1 
HETATM 606 O  O     . HOH H 4 .  ? -5.927  -4.161  4.167   1.00 16.59 ? 103 HOH B O     1 
HETATM 607 O  O     . HOH H 4 .  ? -8.964  1.531   6.480   1.00 33.64 ? 105 HOH B O     1 
HETATM 608 O  O     . HOH H 4 .  ? -0.459  -0.054  6.192   1.00 13.45 ? 106 HOH B O     1 
HETATM 609 O  O     . HOH H 4 .  ? 4.293   6.399   -5.740  1.00 31.59 ? 110 HOH B O     1 
HETATM 610 O  O     . HOH H 4 .  ? -8.386  9.147   -16.972 1.00 28.84 ? 112 HOH B O     1 
HETATM 611 O  O     . HOH H 4 .  ? 5.491   -9.795  0.976   1.00 27.95 ? 113 HOH B O     1 
HETATM 612 O  O     . HOH H 4 .  ? 5.061   -16.994 10.019  1.00 16.45 ? 114 HOH B O     1 
HETATM 613 O  O     . HOH H 4 .  ? -3.766  -12.953 5.683   1.00 34.35 ? 115 HOH B O     1 
HETATM 614 O  O     . HOH H 4 .  ? -10.180 -6.581  0.549   1.00 32.04 ? 118 HOH B O     1 
HETATM 615 O  O     . HOH H 4 .  ? -6.442  -1.502  5.521   1.00 33.25 ? 119 HOH B O     1 
HETATM 616 O  O     . HOH H 4 .  ? -4.808  -0.947  7.841   1.00 21.94 ? 120 HOH B O     1 
HETATM 617 O  O     . HOH H 4 .  ? -0.075  6.302   2.669   1.00 16.26 ? 121 HOH B O     1 
HETATM 618 O  O     . HOH H 4 .  ? 1.785   8.064   1.908   1.00 22.72 ? 122 HOH B O     1 
HETATM 619 O  O     . HOH H 4 .  ? 6.826   -15.775 1.821   1.00 33.33 ? 124 HOH B O     1 
HETATM 620 O  O     . HOH H 4 .  ? -0.997  -13.487 3.109   1.00 20.21 ? 135 HOH B O     1 
HETATM 621 O  O     . HOH H 4 .  ? -0.893  -16.775 0.137   1.00 28.13 ? 136 HOH B O     1 
HETATM 622 O  O     . HOH H 4 .  ? -4.473  -9.464  -3.440  1.00 22.16 ? 137 HOH B O     1 
HETATM 623 O  O     . HOH H 4 .  ? -3.462  6.282   4.274   1.00 21.62 ? 138 HOH B O     1 
HETATM 624 O  O     . HOH H 4 .  ? 2.821   5.815   5.837   1.00 24.79 ? 139 HOH B O     1 
HETATM 625 O  O     . HOH H 4 .  ? 4.569   3.986   6.527   1.00 30.55 ? 140 HOH B O     1 
HETATM 626 O  O     . HOH H 4 .  ? -1.608  9.010   4.043   1.00 25.86 ? 141 HOH B O     1 
HETATM 627 O  O     . HOH H 4 .  ? -6.932  11.499  4.506   1.00 19.46 ? 142 HOH B O     1 
HETATM 628 O  O     . HOH H 4 .  ? 5.818   -20.751 12.133  1.00 33.47 ? 147 HOH B O     1 
HETATM 629 O  O     . HOH H 4 .  ? 7.136   -18.577 3.300   1.00 30.43 ? 148 HOH B O     1 
HETATM 630 O  O     . HOH H 4 .  ? -3.387  8.344   -20.270 1.00 31.61 ? 149 HOH B O     1 
HETATM 631 O  O     . HOH H 4 .  ? -2.885  -14.685 0.033   1.00 37.54 ? 150 HOH B O     1 
HETATM 632 O  O     . HOH H 4 .  ? -2.839  -12.830 -1.791  1.00 36.70 ? 151 HOH B O     1 
HETATM 633 O  O     . HOH H 4 .  ? -2.414  -15.375 -2.521  1.00 34.37 ? 153 HOH B O     1 
HETATM 634 O  O     . HOH H 4 .  ? -2.616  0.759   7.835   1.00 29.03 ? 154 HOH B O     1 
HETATM 635 O  O     . HOH H 4 .  ? -3.883  10.473  5.850   1.00 31.03 ? 157 HOH B O     1 
HETATM 636 O  O     . HOH H 4 .  ? 3.938   7.503   4.102   1.00 36.80 ? 160 HOH B O     1 
HETATM 637 O  O     . HOH H 4 .  ? 6.726   4.968   5.354   1.00 42.95 ? 161 HOH B O     1 
HETATM 638 O  O     . HOH H 4 .  ? 9.216   -18.399 5.199   1.00 33.35 ? 162 HOH B O     1 
HETATM 639 O  O     . HOH H 4 .  ? -0.757  -15.145 5.204   1.00 24.46 ? 163 HOH B O     1 
HETATM 640 O  O     . HOH H 4 .  ? -4.779  12.591  2.881   1.00 40.03 ? 165 HOH B O     1 
HETATM 641 O  O     . HOH H 4 .  ? -2.356  -7.609  8.044   1.00 9.61  ? 170 HOH B O     1 
HETATM 642 O  O     . HOH H 4 .  ? -4.227  -9.777  8.179   1.00 10.00 ? 172 HOH B O     1 
HETATM 643 O  O     . HOH H 4 .  ? -2.497  12.107  3.682   1.00 26.08 ? 179 HOH B O     1 
HETATM 644 O  O     . HOH H 4 .  ? 0.971   14.241  4.015   1.00 26.25 ? 180 HOH B O     1 
HETATM 645 O  O     . HOH H 4 .  ? -1.741  14.910  2.695   1.00 25.87 ? 182 HOH B O     1 
HETATM 646 O  O     . HOH H 4 .  ? -0.052  11.827  4.806   1.00 26.92 ? 183 HOH B O     1 
HETATM 647 O  O     . HOH H 4 .  ? -1.531  14.215  5.501   1.00 26.47 ? 184 HOH B O     1 
# 
